data_1PDF
#
_entry.id   1PDF
#
_cell.length_a   1
_cell.length_b   1
_cell.length_c   1
_cell.angle_alpha   90
_cell.angle_beta   90
_cell.angle_gamma   90
#
_symmetry.space_group_name_H-M   'P 1'
#
_entity_poly.entity_id   1
_entity_poly.type   'polypeptide(L)'
_entity_poly.pdbx_seq_one_letter_code
;MSLLNNKAGVISRLADFLGFRPKTGDIDVMNRQSVGSVTISQLAKGFYEPNIESAINDVHNFSIKDVGTIITNKTGVSPE
GVSQTDYWAFSGTVTDDSLPPGSPITVLVFGLPVSATTGMTAIEFVAKVRVALQEAIASFTAINSYKDHPTDGSKLEVTY
LDNQKHVLSTYSTYGITISQEIISESKPGYGTWNLLGAQTVTLDNQQTPTVFYHFERTA
;
_entity_poly.pdbx_strand_id   A,B,C,D,E,F,G,H,I,J,K,L,M,N,O,P,Q,R
#
# COMPACT_ATOMS: atom_id res chain seq x y z
CA SER A 12 -9.23 -34.78 195.63
CA ARG A 13 -7.42 -38.07 196.27
CA LEU A 14 -9.43 -41.25 195.71
CA ALA A 15 -12.89 -41.16 197.37
CA ASP A 16 -14.18 -38.85 194.60
CA PHE A 17 -13.20 -41.57 192.12
CA LEU A 18 -14.34 -44.74 193.92
CA GLY A 19 -17.74 -46.15 192.99
CA PHE A 20 -20.52 -46.59 195.53
CA ARG A 21 -23.61 -48.76 195.02
CA PRO A 22 -26.72 -46.74 195.92
CA LYS A 23 -29.64 -48.26 197.80
CA THR A 24 -32.51 -49.23 195.48
CA GLY A 25 -35.48 -46.91 195.92
CA ASP A 26 -33.44 -44.52 198.09
CA ILE A 27 -34.46 -40.85 197.88
CA ASP A 28 -33.17 -39.76 201.29
CA VAL A 29 -31.09 -36.96 199.75
CA MET A 30 -33.41 -33.96 199.51
CA ASN A 31 -36.39 -36.25 198.78
CA ARG A 32 -34.95 -36.65 195.27
CA GLN A 33 -32.03 -39.06 195.06
CA SER A 34 -30.02 -41.83 196.69
CA VAL A 35 -27.14 -41.41 199.11
CA GLY A 36 -23.99 -41.39 197.01
CA SER A 37 -25.47 -39.94 193.81
CA VAL A 38 -22.87 -38.13 191.71
CA THR A 39 -22.52 -34.42 192.45
CA ILE A 40 -21.07 -31.44 190.64
CA SER A 41 -17.84 -31.90 192.65
CA GLN A 42 -17.14 -35.26 191.00
CA LEU A 43 -18.34 -34.15 187.56
CA ALA A 44 -15.84 -31.27 187.69
CA LYS A 45 -13.12 -33.87 188.28
CA GLY A 46 -14.21 -36.16 185.47
CA PHE A 47 -16.10 -38.81 187.44
CA TYR A 48 -19.74 -39.49 186.53
CA GLU A 49 -20.90 -42.33 188.77
CA PRO A 50 -22.32 -42.60 192.31
CA ASN A 51 -19.31 -42.54 194.64
CA ILE A 52 -17.90 -42.86 198.15
CA GLU A 53 -16.99 -39.17 198.59
CA SER A 54 -20.58 -38.19 197.89
CA ALA A 55 -22.06 -41.00 200.01
CA ILE A 56 -20.09 -39.99 203.10
CA ASN A 57 -20.95 -36.31 202.57
CA ASP A 58 -24.66 -37.22 202.35
CA VAL A 59 -24.72 -39.18 205.63
CA HIS A 60 -22.69 -36.40 207.26
CA ASN A 61 -25.56 -34.09 206.22
CA PHE A 62 -28.09 -36.44 207.86
CA SER A 63 -26.26 -36.69 211.19
CA ILE A 64 -25.56 -33.08 212.20
CA LYS A 65 -28.54 -31.29 213.77
CA ASP A 66 -28.78 -27.52 213.38
CA VAL A 67 -27.61 -25.13 216.08
CA GLY A 68 -30.70 -24.40 218.19
CA THR A 69 -31.84 -28.02 218.12
CA ILE A 70 -32.87 -29.68 221.38
CA ILE A 71 -31.69 -33.09 222.55
CA THR A 72 -33.50 -34.70 225.49
CA ASN A 73 -32.26 -37.45 227.82
CA LYS A 74 -32.84 -38.79 231.33
CA THR A 75 -29.18 -39.01 232.38
CA GLY A 76 -28.17 -35.36 232.30
CA VAL A 77 -25.07 -36.33 230.33
CA SER A 78 -24.00 -33.89 227.60
CA PRO A 79 -24.37 -34.95 223.91
CA GLU A 80 -20.86 -33.55 223.32
CA GLY A 81 -18.12 -35.92 222.21
CA VAL A 82 -14.98 -36.77 224.19
CA SER A 83 -11.50 -37.59 222.85
CA GLN A 84 -9.56 -40.66 223.99
CA THR A 85 -6.53 -40.11 226.27
CA ASP A 86 -3.46 -42.37 226.37
CA TYR A 87 -0.10 -42.85 227.97
CA TRP A 88 2.64 -43.60 225.43
CA ALA A 89 5.36 -45.69 227.09
CA PHE A 90 8.96 -46.13 225.98
CA SER A 91 11.88 -48.36 226.98
CA GLY A 92 15.30 -49.40 225.72
CA THR A 93 18.20 -47.60 224.05
CA VAL A 94 18.21 -46.11 220.55
CA THR A 95 20.21 -48.61 218.49
CA ASP A 96 21.58 -48.78 214.94
CA ASP A 97 24.35 -51.37 214.63
CA SER A 98 24.96 -49.99 211.14
CA LEU A 99 26.00 -46.60 212.54
CA PRO A 100 28.62 -45.33 215.04
CA PRO A 101 27.69 -44.15 218.59
CA GLY A 102 25.98 -40.75 218.54
CA SER A 103 24.83 -40.92 214.92
CA PRO A 104 21.67 -38.90 214.18
CA ILE A 105 18.66 -40.91 213.00
CA THR A 106 14.91 -40.48 212.50
CA VAL A 107 12.57 -42.76 214.46
CA LEU A 108 8.84 -43.06 213.83
CA VAL A 109 6.67 -42.98 216.95
CA PHE A 110 3.17 -43.96 215.85
CA GLY A 111 4.00 -42.18 212.61
CA LEU A 112 5.50 -39.05 214.20
CA PRO A 113 9.10 -38.40 213.05
CA VAL A 114 11.44 -38.17 216.04
CA SER A 115 14.98 -36.80 215.72
CA ALA A 116 17.13 -39.21 217.75
CA THR A 117 20.81 -40.19 218.08
CA THR A 118 22.19 -43.69 218.60
CA GLY A 119 23.11 -44.10 222.25
CA MET A 120 20.14 -42.21 223.74
CA THR A 121 18.37 -43.78 226.71
CA ALA A 122 14.58 -44.14 226.69
CA ILE A 123 14.32 -41.07 228.93
CA GLU A 124 16.42 -39.03 226.50
CA PHE A 125 14.31 -40.29 223.60
CA VAL A 126 11.08 -39.24 225.32
CA ALA A 127 12.47 -35.70 225.32
CA LYS A 128 12.70 -35.90 221.52
CA VAL A 129 9.18 -37.31 221.37
CA ARG A 130 7.96 -34.21 223.20
CA VAL A 131 9.25 -32.17 220.27
CA ALA A 132 7.43 -34.30 217.68
CA LEU A 133 4.21 -33.99 219.68
CA GLN A 134 4.58 -30.21 219.82
CA GLU A 135 5.04 -30.14 216.04
CA ALA A 136 2.00 -32.35 215.45
CA ILE A 137 0.00 -30.14 217.80
CA ALA A 138 1.14 -26.94 216.06
CA SER A 139 0.12 -28.31 212.64
CA PHE A 140 -3.15 -29.64 214.08
CA THR A 141 -2.27 -33.15 212.98
CA ALA A 142 -4.14 -35.75 215.06
CA ILE A 143 -2.73 -34.55 218.39
CA ASN A 144 -4.67 -32.16 220.60
CA SER A 145 -2.39 -32.00 223.63
CA TYR A 146 0.17 -33.86 225.71
CA LYS A 147 1.39 -33.80 229.32
CA ASP A 148 4.31 -35.44 231.10
CA HIS A 149 3.57 -38.47 233.25
CA PRO A 150 3.65 -37.18 236.85
CA THR A 151 6.04 -39.83 238.20
CA ASP A 152 7.46 -41.79 235.23
CA GLY A 153 9.96 -40.10 232.92
CA SER A 154 9.53 -42.74 230.21
CA LYS A 155 5.80 -42.06 229.62
CA LEU A 156 3.75 -39.23 228.13
CA GLU A 157 0.01 -38.57 228.31
CA VAL A 158 -1.58 -37.69 224.97
CA THR A 159 -5.06 -36.57 223.91
CA TYR A 160 -6.36 -36.64 220.32
CA LEU A 161 -8.24 -34.10 218.22
CA ASP A 162 -10.95 -36.55 217.13
CA ASN A 163 -13.26 -38.57 219.38
CA GLN A 164 -12.69 -41.91 217.67
CA LYS A 165 -11.46 -45.09 219.31
CA HIS A 166 -7.77 -45.85 218.81
CA VAL A 167 -6.02 -49.14 219.53
CA LEU A 168 -2.30 -48.87 218.83
CA SER A 169 -0.06 -51.94 218.46
CA THR A 170 3.11 -52.29 220.53
CA TYR A 171 6.27 -52.38 218.43
CA SER A 172 10.04 -51.97 218.53
CA THR A 173 12.07 -49.75 216.23
CA TYR A 174 15.80 -49.07 216.49
CA GLY A 175 15.95 -50.63 219.95
CA ILE A 176 13.10 -48.54 221.35
CA THR A 177 9.92 -50.34 222.34
CA ILE A 178 6.80 -48.18 222.01
CA SER A 179 3.43 -49.08 223.58
CA GLN A 180 -0.01 -47.59 224.25
CA GLU A 181 -1.93 -47.56 227.53
CA ILE A 182 -5.48 -46.23 227.12
CA ILE A 183 -6.35 -44.01 230.10
CA SER A 184 -9.77 -42.64 229.15
CA GLU A 185 -12.20 -43.83 226.49
CA SER A 186 -13.53 -41.56 223.75
CA LYS A 187 -17.26 -40.83 223.56
CA PRO A 188 -19.54 -40.29 220.54
CA GLY A 189 -20.86 -36.77 219.92
CA TYR A 190 -20.24 -33.41 218.25
CA GLY A 191 -20.73 -29.68 218.74
CA THR A 192 -21.26 -27.57 221.83
CA TRP A 193 -24.40 -28.26 223.86
CA ASN A 194 -25.90 -26.31 226.72
CA LEU A 195 -28.13 -27.75 229.46
CA LEU A 196 -31.30 -25.66 229.40
CA GLY A 197 -32.70 -27.19 232.54
CA ALA A 198 -34.98 -30.04 233.56
CA GLN A 199 -38.63 -30.76 232.88
CA THR A 200 -40.62 -32.97 235.23
CA VAL A 201 -43.45 -34.68 233.38
CA THR A 202 -45.95 -37.28 234.51
CA LEU A 203 -46.76 -39.29 231.41
CA ASP A 204 -50.47 -39.76 230.61
CA ASN A 205 -51.69 -42.69 232.70
CA GLN A 206 -48.79 -42.89 235.13
CA GLN A 207 -48.28 -42.30 238.84
CA THR A 208 -44.60 -41.39 239.01
CA PRO A 209 -43.18 -38.21 237.40
CA THR A 210 -40.31 -38.44 234.93
CA VAL A 211 -37.47 -35.92 234.96
CA PHE A 212 -36.13 -35.01 231.52
CA TYR A 213 -33.02 -32.94 230.77
CA HIS A 214 -32.91 -30.70 227.70
CA PHE A 215 -29.71 -29.71 225.89
CA GLU A 216 -29.56 -27.09 223.14
CA ARG A 217 -26.85 -27.03 220.50
CA THR A 218 -25.12 -23.64 220.67
CA ALA A 219 -22.20 -24.28 218.30
CA SER B 12 -21.95 -53.80 192.57
CA ARG B 13 -19.36 -51.00 192.81
CA LEU B 14 -15.80 -50.59 194.10
CA ALA B 15 -17.03 -49.80 197.64
CA ASP B 16 -18.42 -53.35 198.11
CA PHE B 17 -14.90 -54.67 197.65
CA LEU B 18 -12.81 -52.15 199.58
CA GLY B 19 -11.86 -53.24 203.07
CA PHE B 20 -12.99 -51.31 206.15
CA ARG B 21 -11.49 -51.74 209.63
CA PRO B 22 -14.35 -52.07 212.16
CA LYS B 23 -14.13 -50.55 215.63
CA THR B 24 -13.07 -52.98 218.34
CA GLY B 25 -16.03 -53.86 220.57
CA ASP B 26 -18.54 -52.16 218.27
CA ILE B 27 -22.02 -53.70 218.19
CA ASP B 28 -23.98 -50.64 217.08
CA VAL B 29 -25.50 -52.54 214.15
CA MET B 30 -28.71 -54.15 215.44
CA ASN B 31 -27.13 -54.62 218.87
CA ARG B 32 -24.93 -57.41 217.48
CA GLN B 33 -22.17 -56.36 215.09
CA SER B 34 -19.75 -53.62 214.08
CA VAL B 35 -20.31 -50.93 211.46
CA GLY B 36 -18.85 -52.30 208.23
CA SER B 37 -19.47 -56.00 208.94
CA VAL B 38 -19.71 -58.01 205.72
CA THR B 39 -23.27 -58.56 204.47
CA ILE B 40 -24.96 -60.99 202.09
CA SER B 41 -24.64 -58.39 199.32
CA GLN B 42 -20.87 -58.81 199.36
CA LEU B 43 -20.89 -62.56 200.02
CA ALA B 44 -22.98 -63.02 196.88
CA LYS B 45 -20.17 -61.45 194.84
CA GLY B 46 -17.43 -63.45 196.54
CA PHE B 47 -16.16 -60.87 199.05
CA TYR B 48 -16.02 -61.91 202.72
CA GLU B 49 -14.41 -58.97 204.52
CA PRO B 50 -15.82 -55.94 206.37
CA ASN B 51 -16.15 -53.19 203.75
CA ILE B 52 -16.82 -49.54 202.93
CA GLU B 53 -20.15 -50.14 201.21
CA SER B 54 -21.50 -51.90 204.30
CA ALA B 55 -20.09 -49.28 206.69
CA ILE B 56 -21.66 -46.37 204.83
CA ASN B 57 -24.99 -48.19 204.56
CA ASP B 58 -24.86 -48.84 208.32
CA VAL B 59 -24.29 -45.20 209.29
CA HIS B 60 -26.97 -44.28 206.76
CA ASN B 61 -29.35 -46.50 208.78
CA PHE B 62 -28.33 -44.76 212.04
CA SER B 63 -28.96 -41.20 210.80
CA ILE B 64 -32.41 -41.31 209.18
CA LYS B 65 -35.30 -41.10 211.65
CA ASP B 66 -38.69 -42.62 210.81
CA VAL B 67 -41.52 -40.57 209.36
CA GLY B 68 -43.59 -39.33 212.30
CA THR B 69 -40.50 -38.58 214.38
CA ILE B 70 -40.35 -35.19 216.11
CA ILE B 71 -37.44 -32.73 216.11
CA THR B 72 -37.54 -29.82 218.52
CA ASN B 73 -35.62 -26.54 218.36
CA LYS B 74 -35.89 -22.97 219.64
CA THR B 75 -35.28 -21.27 216.27
CA GLY B 76 -38.30 -22.24 214.22
CA VAL B 77 -35.94 -23.19 211.40
CA SER B 78 -36.93 -26.32 209.47
CA PRO B 79 -34.75 -29.45 209.83
CA GLU B 80 -35.04 -29.89 206.05
CA GLY B 81 -31.84 -29.71 204.04
CA VAL B 82 -31.07 -26.81 201.71
CA SER B 83 -29.19 -27.05 198.41
CA GLN B 84 -26.26 -24.74 197.57
CA THR B 85 -26.74 -22.15 194.80
CA ASP B 86 -23.92 -20.55 192.79
CA TYR B 87 -23.19 -18.32 189.84
CA TRP B 88 -21.16 -19.99 187.08
CA ALA B 89 -19.06 -17.28 185.43
CA PHE B 90 -17.33 -17.28 182.05
CA SER B 91 -14.78 -15.08 180.24
CA GLY B 92 -12.80 -15.19 177.01
CA THR B 93 -13.33 -16.54 173.50
CA VAL B 94 -13.63 -20.21 172.53
CA THR B 95 -10.19 -20.89 171.06
CA ASP B 96 -8.37 -23.75 169.30
CA ASP B 97 -5.91 -22.37 166.74
CA SER B 98 -5.42 -25.81 165.18
CA LEU B 99 -8.94 -25.50 163.80
CA PRO B 100 -10.52 -22.99 161.37
CA PRO B 101 -12.93 -20.33 162.73
CA GLY B 102 -16.35 -21.72 163.55
CA SER B 103 -15.22 -25.31 164.10
CA PRO B 104 -17.55 -27.39 166.32
CA ILE B 105 -15.94 -28.60 169.53
CA THR B 106 -16.96 -30.02 172.90
CA VAL B 107 -15.96 -28.01 175.95
CA LEU B 108 -16.28 -29.48 179.45
CA VAL B 109 -17.84 -27.09 181.96
CA PHE B 110 -17.51 -28.60 185.44
CA GLY B 111 -17.91 -31.94 183.70
CA LEU B 112 -20.90 -31.03 181.53
CA PRO B 113 -20.23 -31.47 177.79
CA VAL B 114 -20.99 -28.22 175.96
CA SER B 115 -21.32 -28.02 172.17
CA ALA B 116 -19.54 -24.88 171.05
CA THR B 117 -17.71 -23.47 168.04
CA THR B 118 -14.34 -21.75 167.89
CA GLY B 119 -14.73 -17.98 167.79
CA MET B 120 -17.67 -17.79 170.22
CA THR B 121 -17.53 -14.95 172.73
CA ALA B 122 -18.33 -15.85 176.35
CA ILE B 123 -21.85 -14.49 175.88
CA GLU B 124 -22.43 -16.92 173.00
CA PHE B 125 -20.77 -19.77 174.89
CA VAL B 126 -23.05 -19.24 177.88
CA ALA B 127 -26.08 -19.76 175.64
CA LYS B 128 -24.72 -23.24 174.91
CA VAL B 129 -24.02 -23.88 178.60
CA ARG B 130 -27.76 -23.29 179.18
CA VAL B 131 -28.45 -26.28 176.92
CA ALA B 132 -25.99 -28.50 178.79
CA LEU B 133 -27.62 -27.53 182.11
CA GLN B 134 -31.04 -28.37 180.67
CA GLU B 135 -29.73 -31.81 179.68
CA ALA B 136 -28.24 -32.48 183.13
CA ILE B 137 -31.50 -31.36 184.78
CA ALA B 138 -33.52 -33.61 182.46
CA SER B 139 -31.41 -36.65 183.33
CA PHE B 140 -31.48 -35.74 187.05
CA THR B 141 -27.69 -35.55 187.09
CA ALA B 142 -26.36 -33.28 189.85
CA ILE B 143 -28.29 -30.19 188.71
CA ASN B 144 -31.68 -29.22 190.13
CA SER B 145 -32.31 -25.97 188.29
CA TYR B 146 -30.72 -22.87 186.75
CA LYS B 147 -31.64 -19.31 185.92
CA ASP B 148 -30.09 -16.53 183.84
CA HIS B 149 -28.23 -13.76 185.63
CA PRO B 150 -30.40 -10.61 185.60
CA THR B 151 -27.66 -8.17 184.59
CA ASP B 152 -24.75 -10.24 183.25
CA GLY B 153 -24.91 -12.33 180.08
CA SER B 154 -21.69 -14.12 181.01
CA LYS B 155 -23.07 -15.70 184.21
CA LEU B 156 -25.68 -18.31 185.15
CA GLU B 157 -27.29 -19.18 188.50
CA VAL B 158 -27.28 -22.90 189.35
CA THR B 159 -28.80 -24.94 192.19
CA TYR B 160 -27.84 -28.58 192.90
CA LEU B 161 -29.93 -31.66 193.70
CA ASP B 162 -27.94 -32.59 196.80
CA ASN B 163 -27.36 -30.42 199.85
CA GLN B 164 -23.60 -30.99 200.04
CA LYS B 165 -21.08 -28.14 199.92
CA HIS B 166 -19.23 -27.65 196.64
CA VAL B 167 -16.12 -25.53 196.11
CA LEU B 168 -15.14 -25.71 192.44
CA SER B 169 -11.70 -24.81 191.13
CA THR B 170 -11.46 -22.06 188.54
CA TYR B 171 -9.86 -23.20 185.29
CA SER B 172 -9.40 -22.40 181.62
CA THR B 173 -10.23 -24.62 178.68
CA TYR B 174 -10.22 -23.78 174.97
CA GLY B 175 -9.75 -20.11 175.82
CA ILE B 176 -12.67 -19.89 178.24
CA THR B 177 -12.06 -19.19 181.94
CA ILE B 178 -14.70 -20.89 184.12
CA SER B 179 -15.28 -20.00 187.78
CA GLN B 180 -17.74 -20.47 190.64
CA GLU B 181 -19.25 -17.80 192.90
CA ILE B 182 -21.17 -19.21 195.86
CA ILE B 183 -24.40 -17.28 196.45
CA SER B 184 -26.10 -19.27 199.20
CA GLU B 185 -24.67 -22.07 201.33
CA SER B 186 -26.22 -25.51 201.55
CA LYS B 187 -27.66 -26.69 204.88
CA PRO B 188 -27.63 -30.19 206.42
CA GLY B 189 -30.91 -32.04 206.66
CA TYR B 190 -33.16 -34.53 204.92
CA GLY B 191 -36.80 -35.40 204.23
CA THR B 192 -39.91 -33.26 204.58
CA TRP B 193 -40.82 -31.73 207.94
CA ASN B 194 -43.97 -29.94 209.12
CA LEU B 195 -44.01 -27.34 211.89
CA LEU B 196 -46.62 -28.73 214.31
CA GLY B 197 -46.55 -25.57 216.36
CA ALA B 198 -45.05 -24.13 219.51
CA GLN B 199 -45.08 -25.22 223.14
CA THR B 200 -44.33 -22.78 225.92
CA VAL B 201 -42.77 -24.46 228.91
CA THR B 202 -41.31 -23.09 232.13
CA LEU B 203 -38.49 -25.47 233.00
CA ASP B 204 -38.23 -26.83 236.56
CA ASN B 205 -37.42 -24.51 239.44
CA GLN B 206 -37.28 -21.67 236.88
CA GLN B 207 -39.59 -18.70 236.39
CA THR B 208 -38.75 -17.73 232.81
CA PRO B 209 -40.78 -19.57 230.12
CA THR B 210 -39.13 -21.10 227.05
CA VAL B 211 -40.77 -21.51 223.66
CA PHE B 212 -40.05 -24.76 221.81
CA TYR B 213 -40.95 -25.46 218.18
CA HIS B 214 -41.87 -29.00 217.21
CA PHE B 215 -41.34 -30.40 213.72
CA GLU B 216 -42.68 -33.72 212.48
CA ARG B 217 -41.23 -35.66 209.56
CA THR B 218 -44.03 -36.10 207.01
CA ALA B 219 -42.01 -37.74 204.24
CA SER C 12 -5.23 -52.98 208.52
CA ARG C 13 -7.80 -52.55 205.73
CA LEU C 14 -7.84 -50.42 202.57
CA ALA C 15 -10.09 -47.68 204.02
CA ASP C 16 -7.20 -46.52 206.26
CA PHE C 17 -5.16 -45.84 203.09
CA LEU C 18 -7.73 -44.32 200.73
CA GLY C 19 -7.94 -40.56 200.58
CA PHE C 20 -11.04 -38.58 201.48
CA ARG C 21 -11.51 -34.93 200.48
CA PRO C 22 -12.71 -33.02 203.56
CA LYS C 23 -15.58 -30.53 203.43
CA THR C 24 -14.30 -26.96 203.16
CA GLY C 25 -14.52 -25.10 206.48
CA ASP C 26 -15.79 -28.22 208.25
CA ILE C 27 -15.12 -28.37 211.99
CA ASP C 28 -17.88 -30.83 212.96
CA VAL C 29 -15.32 -33.12 214.62
CA MET C 30 -14.99 -31.90 218.22
CA ASN C 31 -15.48 -28.29 217.04
CA ARG C 32 -11.91 -28.55 215.73
CA GLN C 33 -11.54 -30.35 212.41
CA SER C 34 -13.27 -31.76 209.36
CA VAL C 35 -14.85 -35.18 209.01
CA GLY C 36 -12.15 -37.51 207.71
CA SER C 37 -9.12 -35.70 209.16
CA VAL C 38 -6.12 -37.97 209.73
CA THR C 39 -5.99 -39.71 213.12
CA ILE C 40 -3.27 -41.43 215.13
CA SER C 41 -4.52 -44.83 213.83
CA GLN C 42 -3.53 -43.92 210.26
CA LEU C 43 -0.31 -42.16 211.25
CA ALA C 44 0.73 -45.33 213.07
CA LYS C 45 0.32 -47.21 209.79
CA GLY C 46 2.14 -44.69 207.62
CA PHE C 47 -0.75 -42.75 206.10
CA TYR C 48 -0.77 -38.98 206.65
CA GLU C 49 -3.77 -37.68 204.69
CA PRO C 50 -7.54 -37.29 205.31
CA ASN C 51 -9.10 -40.69 204.69
CA ILE C 52 -12.19 -42.88 204.28
CA GLU C 53 -11.72 -44.93 207.46
CA SER C 54 -11.60 -41.77 209.58
CA ALA C 55 -14.50 -40.16 207.69
CA ILE C 56 -16.84 -43.07 208.33
CA ASN C 57 -15.71 -43.33 211.96
CA ASP C 58 -16.51 -39.61 212.47
CA VAL C 59 -20.02 -39.84 210.99
CA HIS C 60 -20.58 -43.02 213.02
CA ASN C 61 -19.69 -40.86 216.07
CA PHE C 62 -22.28 -38.25 215.05
CA SER C 63 -25.21 -40.60 214.47
CA ILE C 64 -25.32 -42.79 217.59
CA LYS C 65 -27.03 -41.05 220.54
CA ASP C 66 -26.04 -41.96 224.12
CA VAL C 67 -27.94 -44.51 226.22
CA GLY C 68 -30.60 -42.53 228.08
CA THR C 69 -31.50 -40.33 225.09
CA ILE C 70 -35.16 -39.74 224.29
CA ILE C 71 -36.72 -40.05 220.84
CA THR C 72 -40.22 -38.67 220.34
CA ASN C 73 -42.70 -39.48 217.59
CA LYS C 74 -46.45 -39.39 216.97
CA THR C 75 -46.83 -42.92 215.57
CA GLY C 76 -45.81 -45.07 218.52
CA VAL C 77 -43.55 -47.06 216.19
CA SER C 78 -40.26 -48.18 217.75
CA PRO C 79 -37.08 -46.40 216.56
CA GLU C 80 -35.30 -49.77 216.58
CA GLY C 81 -33.98 -51.00 213.26
CA VAL C 82 -35.46 -54.01 211.44
CA SER C 83 -33.51 -56.58 209.45
CA GLN C 84 -34.62 -57.68 205.98
CA THR C 85 -36.10 -61.17 205.45
CA ASP C 86 -36.03 -63.09 202.16
CA TYR C 87 -36.94 -66.39 200.53
CA TRP C 88 -34.05 -68.24 198.90
CA ALA C 89 -35.47 -70.21 195.95
CA PHE C 90 -33.72 -73.12 194.24
CA SER C 91 -34.55 -75.05 191.06
CA GLY C 92 -32.99 -77.64 188.79
CA THR C 93 -30.79 -80.66 189.43
CA VAL C 94 -27.17 -80.72 190.66
CA THR C 95 -25.22 -81.43 187.47
CA ASP C 96 -21.60 -81.76 186.33
CA ASP C 97 -21.14 -83.85 183.18
CA SER C 98 -17.38 -83.56 183.64
CA LEU C 99 -17.64 -85.90 186.65
CA PRO C 100 -19.34 -89.22 187.46
CA PRO C 101 -22.76 -89.35 189.18
CA GLY C 102 -22.75 -88.72 192.92
CA SER C 103 -19.42 -86.89 192.72
CA PRO C 104 -19.10 -84.52 195.72
CA ILE C 105 -18.79 -80.86 194.72
CA THR C 106 -18.78 -77.40 196.29
CA VAL C 107 -21.67 -75.10 195.38
CA LEU C 108 -21.71 -71.41 196.32
CA VAL C 109 -25.12 -70.08 197.37
CA PHE C 110 -24.92 -66.29 197.65
CA GLY C 111 -21.31 -66.82 198.66
CA LEU C 112 -22.10 -69.64 201.07
CA PRO C 113 -20.16 -72.89 200.43
CA VAL C 114 -22.52 -75.88 200.39
CA SER C 115 -21.33 -79.49 200.15
CA ALA C 116 -23.22 -81.01 197.21
CA THR C 117 -23.16 -84.12 194.99
CA THR C 118 -24.04 -84.41 191.29
CA GLY C 119 -27.49 -85.85 190.67
CA MET C 120 -29.28 -84.18 193.58
CA THR C 121 -32.65 -82.54 192.98
CA ALA C 122 -33.49 -79.00 194.11
CA ILE C 123 -35.09 -80.30 197.32
CA GLU C 124 -32.09 -82.49 198.17
CA PHE C 125 -29.78 -79.55 197.52
CA VAL C 126 -31.69 -77.29 199.92
CA ALA C 127 -30.96 -79.77 202.70
CA LYS C 128 -27.30 -78.99 202.06
CA VAL C 129 -28.11 -75.28 202.08
CA ARG C 130 -29.58 -75.58 205.58
CA VAL C 131 -26.15 -76.69 206.80
CA ALA C 132 -24.53 -73.76 204.98
CA LEU C 133 -26.81 -71.21 206.64
CA GLN C 134 -26.12 -72.97 209.96
CA GLU C 135 -22.35 -72.51 209.79
CA ALA C 136 -22.79 -68.92 208.61
CA ILE C 137 -25.15 -68.17 211.50
CA ALA C 138 -22.89 -69.87 214.04
CA SER C 139 -20.01 -67.81 212.66
CA PHE C 140 -21.95 -64.55 212.97
CA THR C 141 -21.41 -64.01 209.26
CA ALA C 142 -24.17 -61.98 207.58
CA ILE C 143 -26.96 -64.43 208.48
CA ASN C 144 -28.99 -63.88 211.66
CA SER C 145 -31.50 -66.74 211.40
CA TYR C 146 -33.39 -69.00 209.01
CA LYS C 147 -36.45 -71.24 208.76
CA ASP C 148 -38.08 -73.53 206.22
CA HIS C 149 -40.56 -72.11 203.72
CA PRO C 150 -44.14 -72.50 204.99
CA THR C 151 -45.09 -74.62 201.98
CA ASP C 152 -42.52 -74.92 199.18
CA GLY C 153 -39.67 -77.25 200.10
CA SER C 154 -37.41 -75.72 197.47
CA LYS C 155 -37.38 -72.44 199.40
CA LEU C 156 -35.97 -71.14 202.68
CA GLU C 157 -36.78 -68.05 204.75
CA VAL C 158 -33.74 -66.01 205.79
CA THR C 159 -33.09 -62.97 208.03
CA TYR C 160 -29.84 -60.96 208.06
CA LEU C 161 -27.81 -59.59 211.01
CA ASP C 162 -27.65 -56.02 209.64
CA ASN C 163 -30.65 -53.86 208.75
CA GLN C 164 -29.48 -52.79 205.27
CA LYS C 165 -31.45 -53.48 202.07
CA HIS C 166 -30.24 -56.36 199.91
CA VAL C 167 -31.15 -57.05 196.29
CA LEU C 168 -29.61 -60.27 194.96
CA SER C 169 -29.46 -61.14 191.27
CA THR C 170 -30.83 -64.51 190.12
CA TYR C 171 -28.14 -66.89 188.86
CA SER C 172 -27.46 -70.52 187.95
CA THR C 173 -24.52 -72.69 188.98
CA TYR C 174 -23.99 -76.44 188.59
CA GLY C 175 -27.42 -76.81 187.02
CA ILE C 176 -29.16 -75.17 189.97
CA THR C 177 -30.82 -71.78 189.59
CA ILE C 178 -30.78 -69.62 192.72
CA SER C 179 -33.14 -66.69 193.29
CA GLN C 180 -34.14 -64.15 195.94
CA GLU C 181 -37.62 -63.05 197.02
CA ILE C 182 -37.79 -60.12 199.45
CA ILE C 183 -40.43 -60.90 202.08
CA SER C 184 -40.13 -58.16 204.71
CA GLU C 185 -38.28 -54.87 204.16
CA SER C 186 -35.60 -53.71 206.59
CA LYS C 187 -35.98 -50.43 208.50
CA PRO C 188 -33.45 -47.76 209.58
CA GLY C 189 -32.56 -47.74 213.28
CA TYR C 190 -30.20 -48.98 215.97
CA GLY C 191 -30.02 -49.99 219.64
CA THR C 192 -32.72 -51.05 222.11
CA TRP C 193 -35.44 -48.49 222.86
CA ASN C 194 -38.11 -48.56 225.55
CA LEU C 195 -41.47 -46.85 225.14
CA LEU C 196 -41.78 -44.72 228.28
CA GLY C 197 -45.40 -43.90 227.56
CA ALA C 198 -47.52 -41.18 226.01
CA GLN C 199 -47.82 -37.47 226.67
CA THR C 200 -50.91 -35.60 225.52
CA VAL C 201 -50.18 -31.93 224.97
CA THR C 202 -52.20 -29.07 223.54
CA LEU C 203 -49.73 -26.96 221.59
CA ASP C 204 -49.80 -23.17 221.99
CA ASN C 205 -53.05 -21.60 220.80
CA GLN C 206 -54.46 -24.88 219.48
CA GLN C 207 -57.94 -26.24 220.17
CA THR C 208 -56.92 -29.85 219.56
CA PRO C 209 -54.53 -31.99 221.66
CA THR C 210 -51.69 -34.03 220.17
CA VAL C 211 -50.34 -37.30 221.54
CA PHE C 212 -46.57 -37.79 221.68
CA TYR C 213 -44.79 -41.10 222.30
CA HIS C 214 -41.44 -41.05 224.10
CA PHE C 215 -38.84 -43.79 223.69
CA GLU C 216 -35.67 -44.06 225.76
CA ARG C 217 -32.54 -45.78 224.53
CA THR C 218 -31.77 -48.49 227.08
CA ALA C 219 -28.96 -50.23 225.17
CA SER D 12 -23.27 -185.75 67.23
CA ARG D 13 -21.10 -188.01 65.07
CA LEU D 14 -22.61 -189.13 61.76
CA ALA D 15 -26.19 -190.45 62.10
CA ASP D 16 -27.50 -186.87 62.45
CA PHE D 17 -25.93 -186.15 59.07
CA LEU D 18 -26.81 -189.30 57.09
CA GLY D 19 -29.88 -189.17 54.86
CA PHE D 20 -32.80 -191.54 55.31
CA ARG D 21 -35.52 -192.17 52.70
CA PRO D 22 -38.94 -191.86 54.36
CA LYS D 23 -41.80 -194.22 53.53
CA THR D 24 -44.27 -192.68 51.07
CA GLY D 25 -47.56 -191.84 52.78
CA ASP D 26 -46.08 -192.50 56.22
CA ILE D 27 -47.55 -190.43 59.07
CA ASP D 28 -46.76 -192.82 61.92
CA VAL D 29 -44.93 -190.09 63.86
CA MET D 30 -47.60 -188.32 65.91
CA ASN D 31 -50.15 -188.82 63.12
CA ARG D 32 -48.35 -186.03 61.24
CA GLN D 33 -45.12 -187.13 59.57
CA SER D 34 -42.93 -189.97 58.37
CA VAL D 35 -40.37 -191.88 60.42
CA GLY D 36 -37.07 -190.11 59.90
CA SER D 37 -38.41 -186.60 59.27
CA VAL D 38 -35.89 -183.90 60.19
CA THR D 39 -36.12 -182.64 63.76
CA ILE D 40 -34.91 -179.59 65.62
CA SER D 41 -31.86 -181.59 66.78
CA GLN D 42 -30.56 -181.91 63.21
CA LEU D 43 -31.56 -178.36 62.23
CA ALA D 44 -29.49 -177.04 65.14
CA LYS D 45 -26.51 -178.91 63.69
CA GLY D 46 -27.02 -177.66 60.15
CA PHE D 47 -28.71 -180.68 58.57
CA TYR D 48 -32.12 -180.19 56.94
CA GLU D 49 -33.11 -183.55 55.47
CA PRO D 50 -34.81 -186.72 56.78
CA ASN D 51 -32.07 -188.73 58.50
CA ILE D 52 -30.98 -191.92 60.23
CA GLU D 53 -30.61 -190.43 63.73
CA SER D 54 -34.22 -189.28 63.62
CA ALA D 55 -35.50 -192.52 62.04
CA ILE D 56 -34.00 -194.68 64.79
CA ASN D 57 -35.28 -192.34 67.51
CA ASP D 58 -38.80 -192.55 66.01
CA VAL D 59 -38.91 -196.37 65.98
CA HIS D 60 -37.44 -196.38 69.48
CA ASN D 61 -40.48 -194.27 70.47
CA PHE D 62 -42.82 -196.83 68.88
CA SER D 63 -41.31 -199.85 70.64
CA ILE D 64 -41.19 -198.89 74.33
CA LYS D 65 -44.53 -199.28 76.14
CA ASP D 66 -45.23 -197.00 79.10
CA VAL D 67 -44.66 -198.13 82.68
CA GLY D 68 -48.00 -199.52 83.85
CA THR D 69 -48.64 -201.29 80.56
CA ILE D 70 -49.75 -204.93 80.62
CA ILE D 71 -48.24 -207.69 78.50
CA THR D 72 -50.08 -211.02 78.32
CA ASN D 73 -48.72 -214.45 77.35
CA LYS D 74 -49.45 -218.14 77.90
CA THR D 75 -45.91 -219.21 78.84
CA GLY D 76 -45.40 -217.28 82.05
CA VAL D 77 -42.02 -216.13 80.76
CA SER D 78 -41.03 -212.56 81.63
CA PRO D 79 -40.89 -209.93 78.81
CA GLU D 80 -37.56 -208.76 80.28
CA GLY D 81 -34.44 -209.05 78.17
CA VAL D 82 -31.42 -211.23 78.96
CA SER D 83 -27.75 -210.54 78.17
CA GLN D 84 -25.53 -213.12 76.45
CA THR D 85 -22.84 -214.84 78.55
CA ASP D 86 -19.52 -216.12 77.20
CA TYR D 87 -16.29 -217.79 78.14
CA TRP D 88 -13.24 -216.03 76.69
CA ALA D 89 -10.44 -218.57 76.19
CA PHE D 90 -6.72 -217.88 75.85
CA SER D 91 -3.64 -219.93 74.94
CA GLY D 92 -0.01 -219.43 73.99
CA THR D 93 2.77 -217.12 75.15
CA VAL D 94 2.93 -213.35 74.66
CA THR D 95 5.43 -212.88 71.84
CA ASP D 96 7.14 -209.94 70.12
CA ASP D 97 10.25 -211.04 68.23
CA SER D 98 11.00 -207.34 67.75
CA LEU D 99 11.44 -206.82 71.51
CA PRO D 100 13.61 -208.37 74.27
CA PRO D 101 12.19 -210.79 76.90
CA GLY D 102 10.06 -208.99 79.48
CA SER D 103 9.29 -205.95 77.32
CA PRO D 104 5.98 -204.24 78.16
CA ILE D 105 3.39 -204.20 75.35
CA THR D 106 -0.32 -203.50 74.85
CA VAL D 107 -2.50 -206.31 73.52
CA LEU D 108 -6.08 -205.88 72.33
CA VAL D 109 -8.54 -208.48 73.61
CA PHE D 110 -11.75 -208.00 71.65
CA GLY D 111 -10.86 -204.31 71.67
CA LEU D 112 -9.95 -204.10 75.37
CA PRO D 113 -6.38 -202.83 75.94
CA VAL D 114 -4.39 -205.32 78.02
CA SER D 115 -1.05 -204.39 79.59
CA ALA D 116 1.20 -207.40 78.95
CA THR D 117 4.93 -208.24 78.88
CA THR D 118 6.71 -210.49 76.40
CA GLY D 119 7.32 -213.85 78.04
CA MET D 120 3.99 -214.12 79.90
CA THR D 121 2.17 -217.45 79.76
CA ALA D 122 -1.52 -217.57 78.82
CA ILE D 123 -2.40 -217.91 82.52
CA GLU D 124 -0.36 -214.82 83.36
CA PHE D 125 -2.00 -212.93 80.49
CA VAL D 126 -5.49 -213.83 81.72
CA ALA D 127 -4.59 -212.04 84.95
CA LYS D 128 -3.98 -208.89 82.91
CA VAL D 129 -7.25 -209.42 81.05
CA ARG D 130 -9.04 -209.40 84.41
CA VAL D 131 -7.76 -205.85 84.88
CA ALA D 132 -9.02 -204.69 81.47
CA LEU D 133 -12.43 -206.20 82.21
CA GLN D 134 -12.59 -204.40 85.56
CA GLU D 135 -11.78 -201.11 83.79
CA ALA D 136 -14.43 -201.70 81.10
CA ILE D 137 -16.92 -202.57 83.84
CA ALA D 138 -16.06 -199.44 85.86
CA SER D 139 -16.55 -197.19 82.82
CA PHE D 140 -19.74 -199.07 81.88
CA THR D 141 -18.29 -199.93 78.49
CA ALA D 142 -19.99 -203.01 77.02
CA ILE D 143 -19.08 -205.27 79.95
CA ASN D 144 -21.53 -205.93 82.77
CA SER D 145 -19.59 -208.49 84.80
CA TYR D 146 -17.01 -211.26 84.69
CA LYS D 147 -16.17 -214.35 86.75
CA ASP D 148 -13.24 -216.76 86.73
CA HIS D 149 -13.77 -220.15 85.12
CA PRO D 150 -14.21 -222.58 88.03
CA THR D 151 -11.63 -225.13 86.86
CA ASP D 152 -9.68 -223.60 83.94
CA GLY D 153 -7.22 -220.79 84.62
CA SER D 154 -7.02 -219.81 80.95
CA LYS D 155 -10.73 -218.90 80.61
CA LEU D 156 -13.00 -216.14 81.93
CA GLU D 157 -16.79 -215.90 81.96
CA VAL D 158 -18.15 -212.55 80.77
CA THR D 159 -21.64 -211.02 80.61
CA TYR D 160 -22.57 -207.97 78.54
CA LEU D 161 -24.56 -204.83 79.33
CA ASP D 162 -26.79 -205.10 76.26
CA ASN D 163 -29.02 -208.03 75.30
CA GLN D 164 -27.84 -208.28 71.69
CA LYS D 165 -26.36 -211.34 70.02
CA HIS D 166 -22.57 -211.35 69.74
CA VAL D 167 -20.47 -213.68 67.59
CA LEU D 168 -16.77 -212.99 68.07
CA SER D 169 -14.12 -214.27 65.67
CA THR D 170 -11.14 -216.27 66.93
CA TYR D 171 -7.81 -214.56 66.31
CA SER D 172 -4.16 -214.49 67.32
CA THR D 173 -2.23 -211.41 68.40
CA TYR D 174 1.33 -211.33 69.71
CA GLY D 175 1.36 -215.11 70.15
CA ILE D 176 -1.87 -215.20 72.16
CA THR D 177 -4.86 -216.94 70.60
CA ILE D 178 -8.19 -215.50 71.77
CA SER D 179 -11.55 -217.25 71.23
CA GLN D 180 -15.20 -217.01 72.27
CA GLU D 181 -17.41 -219.80 73.61
CA ILE D 182 -21.06 -218.72 73.97
CA ILE D 183 -22.50 -220.13 77.20
CA SER D 184 -25.97 -218.56 77.32
CA GLU D 185 -27.95 -216.84 74.58
CA SER D 186 -29.30 -213.32 74.90
CA LYS D 187 -33.06 -212.72 74.83
CA PRO D 188 -35.09 -209.82 73.38
CA GLY D 189 -36.80 -207.48 75.84
CA TYR D 190 -36.48 -204.33 77.96
CA GLY D 191 -37.52 -202.84 81.28
CA THR D 192 -38.62 -204.41 84.56
CA TRP D 193 -41.81 -206.45 84.46
CA ASN D 194 -43.84 -207.90 87.31
CA LEU D 195 -46.10 -210.95 87.09
CA LEU D 196 -49.51 -209.78 88.32
CA GLY D 197 -50.99 -213.25 88.36
CA ALA D 198 -52.95 -215.55 86.09
CA GLN D 199 -56.39 -215.28 84.54
CA THR D 200 -58.28 -218.40 83.51
CA VAL D 201 -60.66 -217.65 80.66
CA THR D 202 -62.89 -219.92 78.61
CA LEU D 203 -63.12 -218.26 75.22
CA ASP D 204 -66.63 -217.77 73.81
CA ASN D 205 -67.65 -221.04 72.16
CA GLN D 206 -64.99 -223.28 73.69
CA GLN D 207 -64.93 -226.17 76.14
CA THR D 208 -61.44 -225.90 77.61
CA PRO D 209 -60.31 -222.91 79.72
CA THR D 210 -57.21 -220.95 78.77
CA VAL D 211 -54.75 -219.73 81.40
CA PHE D 212 -53.21 -216.32 80.66
CA TYR D 213 -50.36 -214.66 82.54
CA HIS D 214 -50.25 -210.89 82.92
CA PHE D 215 -47.06 -208.86 83.38
CA GLU D 216 -47.00 -205.17 84.26
CA ARG D 217 -44.08 -202.90 83.42
CA THR D 218 -42.84 -201.34 86.66
CA ALA D 219 -39.65 -199.67 85.42
CA SER E 12 -32.96 -192.66 47.47
CA ARG E 13 -30.80 -191.47 50.39
CA LEU E 14 -27.47 -192.43 51.97
CA ALA E 15 -29.13 -195.04 54.22
CA ASP E 16 -30.07 -197.24 51.22
CA PHE E 17 -26.38 -197.57 50.43
CA LEU E 18 -24.84 -197.97 53.90
CA GLY E 19 -24.10 -201.56 54.88
CA PHE E 20 -25.77 -203.19 57.88
CA ARG E 21 -24.56 -206.42 59.51
CA PRO E 22 -27.59 -208.72 60.04
CA LYS E 23 -27.91 -210.93 63.10
CA THR E 24 -26.80 -214.53 62.58
CA GLY E 25 -29.81 -216.84 62.46
CA ASP E 26 -32.29 -213.96 62.34
CA ILE E 27 -35.51 -214.63 60.42
CA ASP E 28 -37.75 -212.07 62.12
CA VAL E 29 -38.71 -210.52 58.79
CA MET E 30 -41.78 -212.39 57.55
CA ASN E 31 -40.49 -215.61 59.13
CA ARG E 32 -37.82 -215.88 56.43
CA GLN E 33 -35.00 -213.32 56.56
CA SER E 34 -32.89 -211.08 58.79
CA VAL E 35 -33.55 -207.46 59.65
CA GLY E 36 -31.61 -205.39 57.12
CA SER E 37 -31.80 -207.88 54.23
CA VAL E 38 -31.46 -206.14 50.87
CA THR E 39 -34.77 -205.30 49.20
CA ILE E 40 -35.89 -204.48 45.65
CA SER E 41 -35.64 -200.77 46.52
CA GLN E 42 -31.88 -201.08 46.80
CA LEU E 43 -31.46 -203.56 43.95
CA ALA E 44 -33.16 -201.07 41.63
CA LYS E 45 -30.39 -198.56 42.42
CA GLY E 46 -27.59 -201.07 42.02
CA PHE E 47 -26.93 -201.93 45.67
CA TYR E 48 -27.00 -205.61 46.66
CA GLU E 49 -25.99 -205.69 50.33
CA PRO E 50 -27.96 -205.70 53.59
CA ASN E 51 -28.40 -202.05 54.56
CA ILE E 52 -29.47 -199.46 57.13
CA GLU E 53 -32.51 -198.25 55.22
CA SER E 54 -33.90 -201.77 55.04
CA ALA E 55 -33.10 -202.52 58.71
CA ILE E 56 -34.85 -199.40 59.98
CA ASN E 57 -37.86 -200.05 57.75
CA ASP E 58 -38.02 -203.61 59.11
CA VAL E 59 -38.03 -202.60 62.78
CA HIS E 60 -40.56 -199.93 61.85
CA ASN E 61 -42.80 -202.75 60.60
CA PHE E 62 -42.34 -204.67 63.87
CA SER E 63 -43.33 -201.79 66.17
CA ILE E 64 -46.55 -200.40 64.69
CA LYS E 65 -49.67 -202.37 65.64
CA ASP E 66 -52.73 -202.38 63.36
CA VAL E 67 -55.66 -200.04 63.90
CA GLY E 68 -58.14 -201.91 66.10
CA THR E 69 -55.40 -203.36 68.29
CA ILE E 70 -55.88 -203.12 72.07
CA ILE E 71 -53.34 -201.89 74.62
CA THR E 72 -54.06 -202.48 78.29
CA ASN E 73 -52.59 -200.69 81.31
CA LYS E 74 -53.46 -199.96 84.94
CA THR E 75 -52.75 -196.20 84.79
CA GLY E 76 -55.41 -194.90 82.45
CA VAL E 77 -52.68 -192.99 80.61
CA SER E 78 -53.05 -192.91 76.82
CA PRO E 79 -50.51 -194.87 74.70
CA GLU E 80 -50.38 -191.84 72.38
CA GLY E 81 -47.06 -190.07 72.05
CA VAL E 82 -46.46 -186.58 73.47
CA SER E 83 -44.25 -183.89 71.91
CA GLN E 84 -41.60 -182.05 73.94
CA THR E 85 -42.16 -178.34 74.67
CA ASP E 86 -39.39 -175.82 75.47
CA TYR E 87 -38.69 -172.16 76.01
CA TRP E 88 -36.19 -170.67 73.54
CA ALA E 89 -34.33 -167.89 75.35
CA PHE E 90 -32.29 -165.02 73.93
CA SER E 91 -29.91 -162.37 75.33
CA GLY E 92 -27.62 -159.69 73.92
CA THR E 93 -27.62 -157.35 70.93
CA VAL E 94 -27.33 -158.39 67.28
CA THR E 95 -23.71 -157.52 66.52
CA ASP E 96 -21.37 -157.50 63.52
CA ASP E 97 -18.88 -154.63 63.81
CA SER E 98 -17.78 -155.06 60.19
CA LEU E 99 -21.16 -153.65 59.18
CA PRO E 100 -22.82 -150.26 59.83
CA PRO E 101 -25.68 -150.03 62.37
CA GLY E 102 -28.95 -151.41 61.04
CA SER E 103 -27.41 -153.74 58.46
CA PRO E 104 -29.64 -156.66 57.42
CA ILE E 105 -28.21 -160.07 58.28
CA THR E 106 -29.34 -163.67 58.59
CA VAL E 107 -28.92 -165.28 61.99
CA LEU E 108 -29.37 -169.03 62.45
CA VAL E 109 -31.48 -169.94 65.49
CA PHE E 110 -31.28 -173.71 66.01
CA GLY E 111 -31.06 -173.93 62.24
CA LEU E 112 -33.92 -171.55 61.42
CA PRO E 113 -32.84 -168.57 59.28
CA VAL E 114 -33.85 -165.32 60.99
CA SER E 115 -33.84 -161.96 59.20
CA ALA E 116 -32.40 -159.42 61.59
CA THR E 117 -30.49 -156.14 61.58
CA THR E 118 -27.38 -155.18 63.52
CA GLY E 119 -28.26 -153.16 66.61
CA MET E 120 -31.42 -155.10 67.50
CA THR E 121 -31.91 -155.82 71.20
CA ALA E 122 -32.93 -159.38 72.13
CA ILE E 123 -36.54 -158.23 72.47
CA GLU E 124 -36.50 -156.98 68.86
CA PHE E 125 -34.67 -160.09 67.66
CA VAL E 126 -37.28 -162.36 69.24
CA ALA E 127 -39.97 -160.65 67.17
CA LYS E 128 -38.10 -161.82 64.09
CA VAL E 129 -37.68 -165.34 65.51
CA ARG E 130 -41.50 -165.48 65.68
CA VAL E 131 -41.56 -165.05 61.89
CA ALA E 132 -39.02 -167.84 61.36
CA LEU E 133 -41.07 -170.17 63.58
CA GLN E 134 -44.20 -169.31 61.58
CA GLU E 135 -42.35 -170.24 58.38
CA ALA E 136 -41.12 -173.56 59.79
CA ILE E 137 -44.65 -174.36 61.02
CA ALA E 138 -46.11 -173.48 57.62
CA SER E 139 -43.70 -175.82 55.83
CA PHE E 140 -44.25 -178.54 58.46
CA THR E 141 -40.55 -178.54 59.26
CA ALA E 142 -39.81 -179.77 62.80
CA ILE E 143 -42.02 -177.18 64.53
CA ASN E 144 -45.63 -177.86 65.51
CA SER E 145 -46.51 -174.60 67.24
CA TYR E 146 -45.20 -171.73 69.35
CA LYS E 147 -46.51 -169.17 71.80
CA ASP E 148 -45.16 -166.00 73.38
CA HIS E 149 -43.87 -166.14 76.93
CA PRO E 150 -46.42 -164.46 79.23
CA THR E 151 -43.95 -162.39 81.25
CA ASP E 152 -40.68 -162.34 79.29
CA GLY E 153 -40.25 -160.68 75.92
CA SER E 154 -36.92 -162.45 75.37
CA LYS E 155 -38.38 -165.99 75.42
CA LEU E 156 -40.69 -168.09 73.25
CA GLU E 157 -42.48 -171.39 73.93
CA VAL E 158 -42.05 -174.01 71.21
CA THR E 159 -43.56 -177.48 70.65
CA TYR E 160 -42.19 -179.96 68.08
CA LEU E 161 -43.92 -182.20 65.52
CA ASP E 162 -42.13 -185.37 66.61
CA ASN E 163 -42.14 -186.90 70.09
CA GLN E 164 -38.38 -187.40 70.31
CA LYS E 165 -36.26 -185.87 73.10
CA HIS E 166 -34.18 -182.83 72.16
CA VAL E 167 -31.34 -181.32 74.20
CA LEU E 168 -30.00 -178.28 72.38
CA SER E 169 -26.61 -176.75 73.04
CA THR E 170 -26.49 -173.12 74.10
CA TYR E 171 -24.44 -170.93 71.77
CA SER E 172 -23.74 -167.37 70.69
CA THR E 173 -23.98 -165.97 67.18
CA TYR E 174 -23.73 -162.36 66.04
CA GLY E 175 -23.84 -161.23 69.66
CA ILE E 176 -26.98 -163.15 70.58
CA THR E 177 -26.84 -165.97 73.13
CA ILE E 178 -29.41 -168.68 72.36
CA SER E 179 -30.47 -171.36 74.85
CA GLN E 180 -33.10 -174.02 75.49
CA GLU E 181 -35.17 -174.58 78.63
CA ILE E 182 -37.15 -177.82 78.61
CA ILE E 183 -40.66 -177.28 80.01
CA SER E 184 -42.33 -180.66 79.43
CA GLU E 185 -40.75 -183.92 78.36
CA SER E 186 -41.84 -185.86 75.29
CA LYS E 187 -43.42 -189.31 75.73
CA PRO E 188 -43.07 -192.41 73.54
CA GLY E 189 -46.08 -193.52 71.55
CA TYR E 190 -47.79 -193.26 68.19
CA GLY E 191 -51.20 -193.07 66.51
CA THR E 192 -54.59 -192.23 67.98
CA TRP E 193 -56.02 -194.32 70.81
CA ASN E 194 -59.47 -194.37 72.41
CA LEU E 195 -60.13 -195.42 76.00
CA LEU E 196 -62.75 -198.17 75.60
CA GLY E 197 -63.30 -198.32 79.33
CA ALA E 198 -62.32 -200.32 82.39
CA GLN E 199 -62.56 -204.00 83.28
CA THR E 200 -62.41 -205.14 86.87
CA VAL E 201 -60.93 -208.59 87.21
CA THR E 202 -59.99 -210.67 90.21
CA LEU E 203 -56.97 -212.68 89.10
CA ASP E 204 -56.87 -216.43 89.78
CA ASN E 205 -56.67 -217.75 93.33
CA GLN E 206 -56.66 -214.09 94.48
CA GLN E 207 -59.30 -212.12 96.38
CA THR E 208 -58.25 -208.56 95.53
CA PRO E 209 -59.74 -207.16 92.29
CA THR E 210 -57.62 -205.33 89.71
CA VAL E 211 -58.85 -202.60 87.39
CA PHE E 212 -57.53 -202.68 83.84
CA TYR E 213 -57.97 -199.92 81.26
CA HIS E 214 -58.31 -200.87 77.62
CA PHE E 215 -57.26 -198.60 74.76
CA GLU E 216 -58.02 -199.21 71.10
CA ARG E 217 -56.05 -197.71 68.23
CA THR E 218 -58.51 -195.71 66.12
CA ALA E 219 -56.02 -194.19 63.66
CA SER F 12 -18.12 -206.19 58.93
CA ARG F 13 -20.44 -203.53 57.48
CA LEU F 14 -20.46 -199.73 57.68
CA ALA F 15 -23.19 -199.54 60.37
CA ASP F 16 -20.71 -200.91 62.96
CA PHE F 17 -18.48 -197.88 62.27
CA LEU F 18 -21.00 -195.03 61.95
CA GLY F 19 -21.69 -192.98 65.04
CA PHE F 20 -25.11 -192.69 66.65
CA ARG F 21 -25.96 -189.97 69.18
CA PRO F 22 -27.70 -191.61 72.15
CA LYS F 23 -30.85 -190.20 73.72
CA THR F 24 -30.04 -188.15 76.84
CA GLY F 25 -30.83 -190.05 80.04
CA ASP F 26 -31.83 -193.14 78.07
CA ILE F 27 -31.51 -196.44 79.93
CA ASP F 28 -33.99 -198.49 77.88
CA VAL F 29 -31.32 -201.13 77.19
CA MET F 30 -31.51 -203.60 80.10
CA ASN F 31 -32.37 -200.74 82.47
CA ARG F 32 -28.68 -199.79 82.19
CA GLN F 33 -27.75 -197.87 79.06
CA SER F 34 -28.98 -195.94 76.03
CA VAL F 35 -30.04 -197.37 72.70
CA GLY F 36 -26.94 -197.48 70.51
CA SER F 37 -24.33 -197.85 73.27
CA VAL F 38 -21.12 -199.55 72.13
CA THR F 39 -21.09 -203.34 72.39
CA ILE F 40 -18.37 -205.99 72.37
CA SER F 41 -19.02 -206.60 68.64
CA GLN F 42 -17.83 -203.08 67.78
CA LEU F 43 -14.98 -203.07 70.29
CA ALA F 44 -13.71 -206.28 68.69
CA LYS F 45 -13.54 -204.41 65.38
CA GLY F 46 -11.87 -201.28 66.73
CA PHE F 47 -14.84 -198.93 67.13
CA TYR F 48 -15.42 -197.49 70.60
CA GLU F 49 -18.36 -195.09 70.22
CA PRO F 50 -22.19 -195.38 70.26
CA ASN F 51 -23.21 -196.55 66.79
CA ILE F 52 -25.93 -197.28 64.23
CA GLU F 53 -25.50 -201.07 64.16
CA SER F 54 -26.01 -201.28 67.94
CA ALA F 55 -28.90 -198.79 67.88
CA ILE F 56 -30.88 -200.80 65.33
CA ASN F 57 -30.08 -204.06 67.13
CA ASP F 58 -31.41 -202.59 70.40
CA VAL F 59 -34.70 -201.37 68.89
CA HIS F 60 -35.02 -204.75 67.12
CA ASN F 61 -34.73 -206.27 70.62
CA PHE F 62 -37.54 -204.03 71.91
CA SER F 63 -40.06 -204.68 69.14
CA ILE F 64 -40.18 -208.49 68.84
CA LYS F 65 -42.37 -210.10 71.50
CA ASP F 66 -41.62 -213.66 72.69
CA VAL F 67 -43.35 -216.74 71.27
CA GLY F 68 -46.43 -217.29 73.44
CA THR F 69 -47.32 -213.60 73.67
CA ILE F 70 -50.94 -212.55 73.17
CA ILE F 71 -52.10 -209.71 70.90
CA THR F 72 -55.69 -208.54 71.26
CA ASN F 73 -57.76 -206.55 68.77
CA LYS F 74 -61.41 -205.92 67.92
CA THR F 75 -61.17 -206.51 64.17
CA GLY F 76 -60.17 -210.16 63.98
CA VAL F 77 -57.45 -209.21 61.51
CA SER F 78 -54.20 -211.17 61.87
CA PRO F 79 -51.18 -209.28 63.31
CA GLU F 80 -48.98 -211.05 60.76
CA GLY F 81 -47.19 -208.84 58.25
CA VAL F 82 -48.07 -208.79 54.56
CA SER F 83 -45.61 -208.43 51.68
CA GLN F 84 -46.23 -206.00 48.83
CA THR F 85 -47.17 -207.30 45.36
CA ASP F 86 -46.52 -205.46 42.09
CA TYR F 87 -46.82 -205.73 38.32
CA TRP F 88 -43.57 -205.31 36.40
CA ALA F 89 -44.42 -203.77 33.01
CA PHE F 90 -42.13 -203.81 29.96
CA SER F 91 -42.39 -202.06 26.59
CA GLY F 92 -40.29 -201.45 23.51
CA THR F 93 -37.77 -203.57 21.65
CA VAL F 94 -34.31 -204.71 22.79
CA THR F 95 -31.99 -202.36 20.91
CA ASP F 96 -28.27 -201.61 20.67
CA ASP F 97 -27.23 -199.97 17.38
CA SER F 98 -23.60 -200.28 18.47
CA LEU F 99 -23.83 -204.04 17.96
CA PRO F 100 -25.14 -206.42 15.26
CA PRO F 101 -28.66 -207.92 15.46
CA GLY F 102 -29.09 -210.82 17.87
CA SER F 103 -26.04 -209.75 19.87
CA PRO F 104 -26.32 -211.12 23.44
CA ILE F 105 -26.42 -208.39 26.10
CA THR F 106 -27.02 -207.98 29.84
CA VAL F 107 -30.09 -205.97 30.84
CA LEU F 108 -30.72 -204.90 34.44
CA VAL F 109 -34.36 -205.08 35.53
CA PHE F 110 -34.71 -203.38 38.93
CA GLY F 111 -31.17 -204.56 39.58
CA LEU F 112 -31.80 -208.07 38.27
CA PRO F 113 -29.38 -209.20 35.50
CA VAL F 114 -31.31 -210.67 32.56
CA SER F 115 -29.62 -212.32 29.57
CA ALA F 116 -31.00 -210.55 26.49
CA THR F 117 -30.32 -210.23 22.75
CA THR F 118 -30.79 -207.19 20.50
CA GLY F 119 -33.94 -207.33 18.40
CA MET F 120 -36.21 -208.97 20.99
CA THR F 121 -39.69 -207.56 21.52
CA ALA F 122 -41.11 -206.71 24.95
CA ILE F 123 -42.82 -210.11 25.20
CA GLU F 124 -39.65 -212.00 24.26
CA PHE F 125 -37.70 -209.97 26.80
CA VAL F 126 -40.12 -210.85 29.62
CA ALA F 127 -39.33 -214.52 29.03
CA LYS F 128 -35.77 -213.63 29.98
CA VAL F 129 -37.07 -211.72 33.00
CA ARG F 130 -38.81 -214.86 34.27
CA VAL F 131 -35.40 -216.53 34.50
CA ALA F 132 -34.02 -213.50 36.33
CA LEU F 133 -36.77 -213.60 38.95
CA GLN F 134 -36.17 -217.35 39.25
CA GLU F 135 -32.50 -217.03 40.17
CA ALA F 136 -33.30 -214.17 42.56
CA ILE F 137 -36.01 -216.23 44.26
CA ALA F 138 -33.80 -219.32 44.45
CA SER F 139 -31.10 -217.12 45.98
CA PHE F 140 -33.49 -215.70 48.60
CA THR F 141 -32.66 -212.24 47.29
CA ALA F 142 -35.50 -209.71 47.69
CA ILE F 143 -38.01 -211.71 45.62
CA ASN F 144 -40.39 -214.11 47.34
CA SER F 145 -42.45 -215.33 44.38
CA TYR F 146 -43.78 -214.41 40.94
CA LYS F 147 -46.48 -215.29 38.42
CA ASP F 148 -47.53 -214.25 34.91
CA HIS F 149 -49.93 -211.34 34.46
CA PRO F 150 -53.54 -212.59 34.18
CA THR F 151 -53.89 -211.07 30.71
CA ASP F 152 -51.05 -208.85 29.48
CA GLY F 153 -48.01 -210.87 28.44
CA SER F 154 -45.73 -207.86 28.78
CA LYS F 155 -46.34 -207.84 32.54
CA LEU F 156 -45.43 -210.02 35.52
CA GLU F 157 -46.84 -210.21 39.06
CA VAL F 158 -44.22 -210.09 41.81
CA THR F 159 -44.20 -210.47 45.61
CA TYR F 160 -41.27 -209.53 47.88
CA LEU F 161 -39.74 -211.39 50.86
CA ASP F 162 -39.92 -208.39 53.22
CA ASN F 163 -43.09 -206.46 54.12
CA GLN F 164 -41.75 -202.95 53.46
CA LYS F 165 -43.29 -200.53 50.96
CA HIS F 166 -41.50 -200.16 47.63
CA VAL F 167 -41.95 -197.40 45.06
CA LEU F 168 -39.87 -197.91 41.92
CA SER F 169 -39.26 -195.19 39.34
CA THR F 170 -40.04 -195.91 35.69
CA TYR F 171 -36.95 -196.08 33.48
CA SER F 172 -35.71 -197.16 30.05
CA THR F 173 -32.62 -199.20 29.20
CA TYR F 174 -31.55 -200.79 25.91
CA GLY F 175 -34.73 -199.58 24.26
CA ILE F 176 -36.95 -201.26 26.84
CA THR F 177 -39.01 -199.18 29.25
CA ILE F 178 -39.56 -200.76 32.66
CA SER F 179 -42.33 -199.71 35.04
CA GLN F 180 -43.92 -200.68 38.36
CA GLU F 181 -47.60 -201.00 39.27
CA ILE F 182 -48.40 -201.58 42.96
CA ILE F 183 -51.15 -204.21 43.18
CA SER F 184 -51.47 -205.06 46.87
CA GLU F 185 -50.04 -202.93 49.69
CA SER F 186 -47.78 -204.47 52.34
CA LYS F 187 -48.79 -204.43 56.03
CA PRO F 188 -46.75 -204.03 59.25
CA GLY F 189 -46.23 -207.21 61.27
CA TYR F 190 -44.00 -210.19 61.96
CA GLY F 191 -44.04 -213.86 62.97
CA THR F 192 -46.80 -216.48 62.87
CA TRP F 193 -49.89 -215.79 64.97
CA ASN F 194 -52.78 -218.09 65.83
CA LEU F 195 -56.28 -216.82 66.52
CA LEU F 196 -57.18 -218.43 69.85
CA GLY F 197 -60.78 -217.33 69.59
CA ALA F 198 -63.09 -214.57 70.77
CA GLN F 199 -63.95 -213.24 74.20
CA THR F 200 -67.14 -211.26 74.70
CA VAL F 201 -66.86 -208.92 77.66
CA THR F 202 -69.10 -206.21 79.03
CA LEU F 203 -66.76 -203.48 80.26
CA ASP F 204 -67.38 -201.90 83.66
CA ASN F 205 -70.67 -200.00 83.87
CA GLN F 206 -71.50 -200.54 80.19
CA GLN F 207 -74.82 -201.78 78.81
CA THR F 208 -73.26 -203.10 75.60
CA PRO F 209 -70.83 -206.05 75.23
CA THR F 210 -67.60 -205.84 73.22
CA VAL F 211 -65.96 -208.71 71.35
CA PHE F 212 -62.19 -209.15 71.62
CA TYR F 213 -60.06 -211.38 69.42
CA HIS F 214 -56.94 -212.96 70.91
CA PHE F 215 -53.96 -214.04 68.82
CA GLU F 216 -51.00 -216.02 70.15
CA ARG F 217 -47.56 -215.88 68.58
CA THR F 218 -46.68 -219.46 67.69
CA ALA F 219 -43.49 -218.75 65.72
CA SER G 12 -4.47 -152.43 -127.73
CA ARG G 13 -1.82 -151.74 -130.38
CA LEU G 14 -2.84 -149.45 -133.23
CA ALA G 15 -6.23 -150.37 -134.76
CA ASP G 16 -8.04 -148.83 -131.78
CA PHE G 17 -6.26 -145.57 -132.60
CA LEU G 18 -6.51 -145.47 -136.41
CA GLY G 19 -9.34 -143.45 -137.93
CA PHE G 20 -11.96 -145.01 -140.20
CA ARG G 21 -14.29 -143.04 -142.49
CA PRO G 22 -17.87 -144.26 -141.95
CA LYS G 23 -20.29 -144.71 -144.84
CA THR G 24 -22.70 -141.78 -145.18
CA GLY G 25 -26.22 -142.76 -144.15
CA ASP G 26 -25.00 -146.08 -142.73
CA ILE G 27 -27.01 -147.45 -139.80
CA ASP G 28 -26.18 -151.14 -140.26
CA VAL G 29 -24.93 -151.44 -136.66
CA MET G 30 -28.00 -152.25 -134.56
CA ASN G 31 -30.18 -150.07 -136.83
CA ARG G 32 -28.60 -147.06 -135.09
CA GLN G 33 -25.11 -146.23 -136.34
CA SER G 34 -22.45 -146.69 -139.00
CA VAL G 35 -19.87 -149.46 -139.17
CA GLY G 36 -16.79 -148.16 -137.38
CA SER G 37 -18.53 -145.81 -134.93
CA VAL G 38 -16.50 -145.24 -131.77
CA THR G 39 -17.23 -147.67 -128.95
CA ILE G 40 -16.63 -147.72 -125.21
CA SER G 41 -13.46 -149.78 -125.83
CA GLN G 42 -11.79 -146.89 -127.68
CA LEU G 43 -13.16 -144.22 -125.33
CA ALA G 44 -11.59 -146.08 -122.40
CA LYS G 45 -8.26 -145.84 -124.23
CA GLY G 46 -8.58 -142.14 -125.02
CA PHE G 47 -9.69 -142.32 -128.66
CA TYR G 48 -12.96 -140.61 -129.62
CA GLU G 49 -13.34 -141.05 -133.39
CA PRO G 50 -14.72 -143.77 -135.69
CA ASN G 51 -11.92 -146.31 -136.09
CA ILE G 52 -10.57 -149.44 -137.74
CA GLU G 53 -10.75 -151.70 -134.67
CA SER G 54 -14.45 -150.96 -134.34
CA ALA G 55 -15.14 -151.25 -138.08
CA ILE G 56 -13.62 -154.72 -138.29
CA ASN G 57 -15.47 -155.85 -135.15
CA ASP G 58 -18.76 -154.63 -136.66
CA VAL G 59 -18.36 -156.55 -139.94
CA HIS G 60 -17.24 -159.59 -137.95
CA ASN G 61 -20.62 -159.30 -136.16
CA PHE G 62 -22.43 -159.23 -139.52
CA SER G 63 -20.70 -162.30 -140.94
CA ILE G 64 -21.07 -164.98 -138.26
CA LYS G 65 -24.48 -166.69 -138.23
CA ASP G 66 -25.76 -168.06 -134.92
CA VAL G 67 -25.39 -171.71 -133.99
CA GLY G 68 -28.62 -173.39 -135.13
CA THR G 69 -28.69 -171.45 -138.40
CA ILE G 70 -29.31 -173.35 -141.63
CA ILE G 71 -27.24 -172.97 -144.80
CA THR G 72 -28.59 -174.48 -148.01
CA ASN G 73 -26.70 -175.43 -151.19
CA LYS G 74 -26.97 -177.77 -154.18
CA THR G 75 -23.43 -179.18 -154.02
CA GLY G 76 -23.49 -180.96 -150.68
CA VAL G 77 -20.19 -179.31 -149.80
CA SER G 78 -19.78 -178.25 -146.17
CA PRO G 79 -19.73 -174.49 -145.33
CA GLU G 80 -16.74 -175.20 -143.04
CA GLY G 81 -13.42 -173.57 -143.84
CA VAL G 82 -10.22 -175.41 -144.80
CA SER G 83 -6.62 -174.43 -144.01
CA GLN G 84 -3.92 -174.30 -146.69
CA THR G 85 -1.23 -177.03 -146.66
CA ASP G 86 2.34 -176.56 -147.88
CA TYR G 87 5.66 -178.28 -148.29
CA TRP G 88 8.57 -176.16 -147.02
CA ALA G 89 11.72 -177.08 -148.97
CA PHE G 90 15.33 -176.49 -147.94
CA SER G 91 18.73 -176.80 -149.63
CA GLY G 92 22.34 -175.78 -149.09
CA THR G 93 24.66 -175.63 -146.08
CA VAL G 94 24.35 -173.28 -143.11
CA THR G 95 27.02 -170.66 -143.71
CA ASP G 96 28.49 -167.71 -141.80
CA ASP G 97 31.88 -166.69 -143.16
CA SER G 98 32.17 -164.39 -140.14
CA LEU G 99 32.18 -167.36 -137.75
CA PRO G 100 34.26 -170.56 -137.31
CA PRO G 101 32.93 -174.04 -138.28
CA GLY G 102 30.33 -175.30 -135.81
CA SER G 103 29.38 -171.89 -134.43
CA PRO G 104 25.80 -171.68 -133.11
CA ILE G 105 23.51 -169.21 -134.92
CA THR G 106 19.81 -168.37 -135.18
CA VAL G 107 18.16 -168.64 -138.60
CA LEU G 108 14.68 -167.35 -139.41
CA VAL G 109 12.49 -169.74 -141.39
CA PHE G 110 9.44 -167.76 -142.48
CA GLY G 111 9.83 -165.90 -139.21
CA LEU G 112 10.34 -168.99 -137.02
CA PRO G 113 13.64 -168.87 -135.07
CA VAL G 114 15.73 -171.96 -135.81
CA SER G 115 18.75 -172.90 -133.67
CA ALA G 116 21.44 -173.90 -136.19
CA THR G 117 25.23 -174.33 -136.31
CA THR G 118 27.53 -173.37 -139.18
CA GLY G 119 28.42 -176.50 -141.12
CA MET G 120 25.00 -178.19 -140.95
CA THR G 121 23.67 -179.76 -144.14
CA ALA G 122 20.13 -178.96 -145.33
CA ILE G 123 18.95 -182.30 -143.91
CA GLU G 124 20.46 -181.47 -140.52
CA PHE G 125 18.87 -178.02 -140.63
CA VAL G 126 15.43 -179.48 -141.35
CA ALA G 127 15.77 -181.35 -138.05
CA LYS G 128 16.15 -177.99 -136.31
CA VAL G 129 13.17 -176.63 -138.24
CA ARG G 130 11.08 -179.47 -136.82
CA VAL G 131 11.82 -178.08 -133.36
CA ALA G 132 10.75 -174.55 -134.30
CA LEU G 133 7.51 -175.90 -135.77
CA GLN G 134 6.80 -177.85 -132.58
CA GLU G 135 7.33 -174.66 -130.55
CA ALA G 136 5.05 -172.63 -132.84
CA ILE G 137 2.44 -175.38 -132.60
CA ALA G 138 2.68 -175.54 -128.80
CA SER G 139 2.19 -171.75 -128.49
CA PHE G 140 -0.62 -171.86 -131.08
CA THR G 141 1.25 -169.41 -133.28
CA ALA G 142 0.14 -169.70 -136.92
CA ILE G 143 1.05 -173.39 -137.21
CA ASN G 144 -1.55 -176.12 -136.76
CA SER G 145 0.52 -179.19 -137.59
CA TYR G 146 3.44 -180.55 -139.57
CA LYS G 147 4.49 -183.91 -141.02
CA ASP G 148 7.70 -185.18 -142.60
CA HIS G 149 7.79 -185.52 -146.37
CA PRO G 150 7.40 -189.26 -147.04
CA THR G 151 10.40 -189.59 -149.37
CA ASP G 152 12.40 -186.32 -149.22
CA GLY G 153 14.39 -185.51 -146.08
CA SER G 154 14.80 -181.86 -147.06
CA LYS G 155 11.05 -181.05 -147.07
CA LEU G 156 8.32 -180.73 -144.44
CA GLU G 157 4.54 -180.59 -144.84
CA VAL G 158 2.87 -177.83 -142.83
CA THR G 159 -0.76 -176.86 -142.18
CA TYR G 160 -1.89 -173.51 -140.78
CA LEU G 161 -4.35 -172.56 -138.05
CA ASP G 162 -6.22 -170.02 -140.20
CA ASN G 163 -7.93 -170.66 -143.53
CA GLN G 164 -6.39 -167.70 -145.36
CA LYS G 165 -4.35 -167.85 -148.54
CA HIS G 166 -0.59 -167.67 -148.07
CA VAL G 167 2.00 -167.04 -150.79
CA LEU G 168 5.51 -167.17 -149.35
CA SER G 169 8.53 -165.79 -151.21
CA THR G 170 11.61 -167.94 -151.78
CA TYR G 171 14.73 -166.58 -150.09
CA SER G 172 18.22 -167.47 -148.92
CA THR G 173 19.61 -166.85 -145.45
CA TYR G 174 22.98 -167.98 -144.15
CA GLY G 175 23.48 -170.30 -147.12
CA ILE G 176 20.11 -172.02 -146.72
CA THR G 177 17.54 -171.53 -149.47
CA ILE G 178 13.95 -171.75 -148.21
CA SER G 179 10.93 -172.13 -150.53
CA GLN G 180 7.19 -172.85 -150.40
CA GLU G 181 5.25 -175.40 -152.44
CA ILE G 182 1.48 -175.10 -151.95
CA ILE G 183 -0.06 -178.58 -151.78
CA SER G 184 -3.70 -177.84 -150.94
CA GLU G 185 -5.63 -174.56 -151.19
CA SER G 186 -7.46 -173.02 -148.25
CA LYS G 187 -11.24 -172.60 -148.41
CA PRO G 188 -13.50 -169.85 -147.01
CA GLY G 189 -15.73 -170.74 -144.07
CA TYR G 190 -16.04 -170.95 -140.29
CA GLY G 191 -17.59 -173.03 -137.50
CA THR G 192 -18.78 -176.63 -137.38
CA TRP G 193 -21.64 -177.54 -139.69
CA ASN G 194 -23.72 -180.71 -139.83
CA LEU G 195 -25.53 -182.05 -142.90
CA LEU G 196 -29.16 -182.45 -141.85
CA GLY G 197 -30.15 -184.25 -145.01
CA ALA G 198 -31.56 -183.43 -148.43
CA GLN G 199 -34.84 -181.91 -149.55
CA THR G 200 -36.18 -182.60 -153.02
CA VAL G 201 -38.36 -179.74 -154.20
CA THR G 202 -40.06 -179.11 -157.53
CA LEU G 203 -40.18 -175.33 -157.86
CA ASP G 204 -43.58 -173.82 -158.72
CA ASN G 205 -43.98 -174.07 -162.50
CA GLN G 206 -41.21 -176.57 -163.20
CA GLN G 207 -40.99 -180.15 -164.41
CA THR G 208 -37.73 -181.32 -162.87
CA PRO G 209 -37.22 -181.62 -159.09
CA THR G 210 -34.33 -179.85 -157.39
CA VAL G 211 -32.33 -181.51 -154.64
CA PHE G 212 -31.20 -179.16 -151.86
CA TYR G 213 -28.78 -179.98 -149.03
CA HIS G 214 -29.22 -178.37 -145.61
CA PHE G 215 -26.39 -177.77 -143.14
CA GLU G 216 -26.91 -176.63 -139.56
CA ARG G 217 -24.25 -174.80 -137.57
CA THR G 218 -23.56 -176.80 -134.42
CA ALA G 219 -20.51 -174.94 -133.10
CA SER H 12 -11.20 -138.84 -145.11
CA ARG H 13 -9.52 -140.77 -142.28
CA LEU H 14 -6.26 -142.66 -141.75
CA ALA H 15 -7.76 -145.90 -143.12
CA ASP H 16 -8.10 -144.44 -146.64
CA PHE H 17 -4.33 -143.99 -146.71
CA LEU H 18 -3.10 -147.19 -145.06
CA GLY H 19 -1.99 -149.87 -147.48
CA PHE H 20 -3.70 -153.26 -147.63
CA ARG H 21 -2.23 -156.33 -149.36
CA PRO H 22 -4.96 -157.92 -151.54
CA LYS H 23 -5.27 -161.68 -151.93
CA THR H 24 -3.64 -163.08 -155.06
CA GLY H 25 -6.29 -164.11 -157.58
CA ASP H 26 -9.11 -162.51 -155.61
CA ILE H 27 -12.02 -161.15 -157.67
CA ASP H 28 -14.73 -161.29 -155.02
CA VAL H 29 -15.57 -157.61 -155.52
CA MET H 30 -18.23 -157.46 -158.25
CA ASN H 31 -16.67 -160.48 -159.97
CA ARG H 32 -13.74 -158.34 -161.11
CA GLN H 33 -11.32 -157.19 -158.41
CA SER H 34 -9.75 -157.99 -155.04
CA VAL H 35 -10.97 -156.87 -151.64
CA GLY H 36 -9.09 -153.67 -150.85
CA SER H 37 -8.66 -152.45 -154.45
CA VAL H 38 -8.24 -148.67 -154.59
CA THR H 39 -11.46 -146.76 -155.28
CA ILE H 40 -12.33 -143.28 -156.54
CA SER H 41 -12.67 -142.12 -152.92
CA GLN H 42 -8.94 -142.58 -152.41
CA LEU H 43 -7.92 -141.41 -155.89
CA ALA H 44 -9.71 -138.12 -155.22
CA LYS H 45 -7.39 -137.55 -152.24
CA GLY H 46 -4.25 -138.53 -154.10
CA PHE H 47 -3.84 -142.12 -152.89
CA TYR H 48 -3.51 -144.86 -155.53
CA GLU H 49 -2.85 -148.05 -153.58
CA PRO H 50 -5.11 -150.84 -152.28
CA ASN H 51 -6.13 -149.80 -148.76
CA ILE H 52 -7.77 -150.66 -145.45
CA GLU H 53 -10.76 -148.35 -145.89
CA SER H 54 -11.64 -149.99 -149.20
CA ALA H 55 -11.10 -153.53 -147.85
CA ILE H 56 -13.37 -153.01 -144.85
CA ASN H 57 -16.04 -151.38 -147.03
CA ASP H 58 -15.84 -154.36 -149.39
CA VAL H 59 -16.34 -157.00 -146.69
CA HIS H 60 -19.11 -154.80 -145.30
CA ASN H 61 -20.81 -155.14 -148.70
CA PHE H 62 -20.42 -158.94 -148.61
CA SER H 63 -22.00 -159.42 -145.17
CA ILE H 64 -25.22 -157.40 -145.27
CA LYS H 65 -28.13 -159.18 -146.97
CA ASP H 66 -30.93 -157.18 -148.64
CA VAL H 67 -34.18 -156.41 -146.86
CA GLY H 68 -36.59 -159.20 -147.75
CA THR H 69 -33.90 -161.88 -147.42
CA ILE H 70 -34.77 -165.00 -145.40
CA ILE H 71 -32.67 -166.60 -142.65
CA THR H 72 -33.66 -170.03 -141.43
CA ASN H 73 -32.74 -171.74 -138.16
CA LYS H 74 -34.05 -174.47 -135.85
CA THR H 75 -33.84 -172.44 -132.63
CA GLY H 76 -36.42 -169.72 -133.13
CA VAL H 77 -33.80 -167.19 -131.99
CA SER H 78 -33.81 -163.89 -133.89
CA PRO H 79 -30.84 -163.12 -136.19
CA GLU H 80 -30.90 -159.57 -134.77
CA GLY H 81 -27.82 -158.43 -132.88
CA VAL H 82 -27.84 -157.87 -129.12
CA SER H 83 -25.87 -155.19 -127.26
CA GLN H 84 -23.69 -156.03 -124.23
CA THR H 85 -24.82 -154.75 -120.79
CA ASP H 86 -22.51 -154.19 -117.80
CA TYR H 87 -22.35 -152.79 -114.32
CA TRP H 88 -19.85 -149.94 -113.88
CA ALA H 89 -18.57 -150.11 -110.30
CA PHE H 90 -16.81 -147.45 -108.24
CA SER H 91 -14.94 -147.32 -104.91
CA GLY H 92 -12.92 -144.78 -102.96
CA THR H 93 -12.94 -141.01 -102.47
CA VAL H 94 -12.17 -138.42 -105.14
CA THR H 95 -8.64 -137.38 -104.19
CA ASP H 96 -6.04 -134.81 -105.30
CA ASP H 97 -4.00 -133.63 -102.30
CA SER H 98 -2.50 -130.75 -104.30
CA LEU H 99 -5.93 -129.11 -104.17
CA PRO H 100 -8.09 -127.92 -101.24
CA PRO H 101 -11.18 -129.94 -100.25
CA GLY H 102 -14.10 -129.46 -102.62
CA SER H 103 -12.02 -128.45 -105.64
CA PRO H 104 -13.72 -129.02 -109.01
CA ILE H 105 -11.93 -131.52 -111.23
CA THR H 106 -12.59 -133.62 -114.32
CA VAL H 107 -12.29 -137.37 -113.91
CA LEU H 108 -12.28 -139.67 -116.94
CA VAL H 109 -14.53 -142.72 -116.53
CA PHE H 110 -13.87 -145.10 -119.44
CA GLY H 111 -13.26 -141.96 -121.48
CA LEU H 112 -16.33 -140.01 -120.35
CA PRO H 113 -15.46 -136.66 -118.71
CA VAL H 114 -17.06 -136.46 -115.27
CA SER H 115 -17.33 -133.20 -113.30
CA ALA H 116 -16.47 -133.98 -109.71
CA THR H 117 -15.03 -132.32 -106.61
CA THR H 118 -12.28 -133.55 -104.31
CA GLY H 119 -13.72 -135.15 -101.19
CA MET H 120 -16.66 -136.87 -102.91
CA THR H 121 -17.40 -140.40 -101.74
CA ALA H 122 -18.01 -143.01 -104.47
CA ILE H 123 -21.76 -142.65 -103.91
CA GLU H 124 -21.54 -138.92 -104.66
CA PHE H 125 -19.21 -139.51 -107.60
CA VAL H 126 -21.63 -141.99 -109.16
CA ALA H 127 -24.32 -139.30 -109.20
CA LYS H 128 -22.01 -137.27 -111.43
CA VAL H 129 -21.27 -140.30 -113.63
CA ARG H 130 -25.03 -140.46 -114.30
CA VAL H 131 -24.78 -136.99 -115.84
CA ALA H 132 -21.85 -137.99 -118.07
CA LEU H 133 -23.77 -141.06 -119.26
CA GLN H 134 -26.78 -138.86 -120.05
CA GLU H 135 -24.53 -136.61 -122.15
CA ALA H 136 -23.00 -139.54 -124.05
CA ILE H 137 -26.49 -140.95 -124.69
CA ALA H 138 -27.72 -137.56 -125.90
CA SER H 139 -24.86 -137.26 -128.39
CA PHE H 140 -25.29 -140.90 -129.47
CA THR H 141 -21.72 -141.63 -128.45
CA ALA H 142 -21.16 -145.32 -127.59
CA ILE H 143 -23.86 -145.44 -124.89
CA ASN H 144 -27.42 -146.59 -125.57
CA SER H 145 -28.89 -146.40 -122.08
CA TYR H 146 -28.20 -146.76 -118.37
CA LYS H 147 -30.06 -147.55 -115.17
CA ASP H 148 -29.31 -147.29 -111.47
CA HIS H 149 -28.36 -150.44 -109.59
CA PRO H 150 -31.32 -151.51 -107.43
CA THR H 151 -29.37 -152.23 -104.26
CA ASP H 152 -25.95 -150.57 -104.66
CA GLY H 153 -25.42 -146.82 -104.88
CA SER H 154 -21.85 -147.31 -106.10
CA LYS H 155 -22.82 -149.14 -109.32
CA LEU H 156 -24.61 -148.32 -112.57
CA GLU H 157 -26.00 -150.56 -115.34
CA VAL H 158 -24.96 -149.57 -118.86
CA THR H 159 -25.93 -150.85 -122.33
CA TYR H 160 -24.00 -149.91 -125.50
CA LEU H 161 -25.15 -148.84 -128.97
CA ASP H 162 -23.07 -151.42 -130.82
CA ASN H 163 -23.21 -155.19 -130.36
CA GLN H 164 -19.45 -155.69 -130.06
CA LYS H 165 -17.84 -157.33 -127.02
CA HIS H 166 -16.10 -155.01 -124.56
CA VAL H 167 -13.71 -156.03 -121.79
CA LEU H 168 -12.61 -152.93 -119.91
CA SER H 169 -9.54 -152.76 -117.71
CA THR H 170 -10.01 -151.82 -114.08
CA TYR H 171 -8.06 -148.73 -113.06
CA SER H 172 -7.74 -145.98 -110.46
CA THR H 173 -7.83 -142.26 -111.08
CA TYR H 174 -7.95 -139.44 -108.54
CA GLY H 175 -8.56 -141.95 -105.78
CA ILE H 176 -11.50 -143.69 -107.46
CA THR H 177 -11.22 -147.32 -108.56
CA ILE H 178 -13.32 -148.00 -111.67
CA SER H 179 -14.24 -151.50 -112.86
CA GLN H 180 -16.54 -153.37 -115.24
CA GLU H 181 -18.81 -156.33 -114.47
CA ILE H 182 -20.33 -157.95 -117.56
CA ILE H 183 -23.99 -158.82 -116.98
CA SER H 184 -25.13 -160.02 -120.40
CA GLU H 185 -23.04 -160.80 -123.46
CA SER H 186 -23.55 -159.14 -126.82
CA LYS H 187 -24.69 -161.25 -129.78
CA PRO H 188 -23.72 -160.96 -133.47
CA GLY H 189 -26.35 -159.77 -135.90
CA TYR H 190 -27.74 -156.73 -137.66
CA GLY H 191 -30.97 -155.14 -138.89
CA THR H 192 -34.56 -155.92 -138.00
CA TRP H 193 -35.97 -159.41 -138.59
CA ASN H 194 -39.52 -160.76 -138.39
CA LEU H 195 -40.38 -164.38 -137.60
CA LEU H 196 -42.56 -165.40 -140.57
CA GLY H 197 -43.44 -168.67 -138.90
CA ALA H 198 -42.49 -172.33 -138.91
CA GLN H 199 -42.32 -174.98 -141.62
CA THR H 200 -42.36 -178.65 -140.75
CA VAL H 201 -40.48 -180.73 -143.28
CA THR H 202 -39.56 -184.39 -143.37
CA LEU H 203 -36.21 -184.50 -145.14
CA ASP H 204 -35.67 -187.01 -147.97
CA ASN H 205 -35.63 -190.73 -147.26
CA GLN H 206 -36.23 -189.84 -143.59
CA GLN H 207 -39.27 -190.44 -141.39
CA THR H 208 -38.63 -187.90 -138.62
CA PRO H 209 -39.99 -184.39 -139.31
CA THR H 210 -37.89 -181.27 -138.70
CA VAL H 211 -39.25 -177.86 -137.75
CA PHE H 212 -37.59 -174.86 -139.39
CA TYR H 213 -38.15 -171.22 -138.41
CA HIS H 214 -38.00 -168.57 -141.11
CA PHE H 215 -37.00 -164.98 -140.44
CA GLU H 216 -37.32 -162.14 -142.92
CA ARG H 217 -35.30 -158.93 -142.77
CA THR H 218 -37.78 -156.05 -142.54
CA ALA H 219 -35.30 -153.20 -142.07
CA SER I 12 4.15 -155.81 -148.39
CA ARG I 13 1.64 -153.18 -147.25
CA LEU I 14 1.09 -151.41 -143.93
CA ALA I 15 -1.88 -153.58 -142.86
CA ASP I 16 0.50 -156.53 -142.32
CA PHE I 17 2.35 -154.43 -139.72
CA LEU I 18 -0.48 -152.66 -137.88
CA GLY I 19 -1.74 -154.26 -134.69
CA PHE I 20 -5.30 -155.45 -134.21
CA ARG I 21 -6.76 -156.22 -130.76
CA PRO I 22 -8.53 -159.59 -130.96
CA LYS I 23 -11.98 -160.16 -129.48
CA THR I 24 -11.75 -161.81 -126.06
CA GLY I 25 -12.59 -165.52 -126.18
CA ASP I 26 -12.97 -165.39 -129.96
CA ILE I 27 -12.39 -168.68 -131.78
CA ASP I 28 -14.36 -167.93 -134.96
CA VAL I 29 -11.31 -168.73 -137.11
CA MET I 30 -11.45 -172.49 -137.77
CA ASN I 31 -12.90 -173.05 -134.28
CA ARG I 32 -9.37 -172.38 -133.02
CA GLN I 33 -8.41 -168.71 -132.81
CA SER I 34 -9.59 -165.11 -132.89
CA VAL I 35 -10.12 -162.96 -135.95
CA GLY I 36 -6.84 -161.19 -136.63
CA SER I 37 -4.48 -163.78 -135.13
CA VAL I 38 -0.98 -163.72 -136.62
CA THR I 39 -0.46 -165.88 -139.70
CA ILE I 40 2.58 -167.26 -141.51
CA SER I 41 2.37 -164.35 -144.02
CA GLN I 42 3.17 -161.82 -141.26
CA LEU I 43 5.73 -164.02 -139.52
CA ALA I 44 7.57 -164.31 -142.83
CA LYS I 45 7.80 -160.51 -142.89
CA GLY I 46 8.90 -160.09 -139.29
CA PHE I 47 5.62 -159.20 -137.57
CA TYR I 48 4.52 -161.43 -134.70
CA GLU I 49 1.33 -159.84 -133.34
CA PRO I 50 -2.41 -159.96 -134.19
CA ASN I 51 -2.93 -157.58 -137.11
CA ILE I 52 -5.26 -155.70 -139.45
CA GLU I 53 -4.33 -157.59 -142.63
CA SER I 54 -5.16 -160.93 -141.01
CA ALA I 55 -8.34 -159.56 -139.40
CA ILE I 56 -9.77 -158.37 -142.70
CA ASN I 57 -8.72 -161.59 -144.43
CA ASP I 58 -10.55 -163.64 -141.76
CA VAL I 59 -13.82 -161.68 -142.03
CA HIS I 60 -13.51 -161.87 -145.83
CA ASN I 61 -13.35 -165.66 -145.33
CA PHE I 62 -16.55 -165.58 -143.23
CA SER I 63 -18.68 -163.51 -145.59
CA ILE I 64 -18.25 -165.18 -149.00
CA LYS I 65 -20.46 -168.27 -149.40
CA ASP I 66 -19.35 -171.12 -151.70
CA VAL I 67 -20.51 -171.45 -155.30
CA GLY I 68 -23.68 -173.56 -155.19
CA THR I 69 -25.07 -171.84 -152.08
CA ILE I 70 -28.74 -170.83 -152.04
CA ILE I 71 -30.05 -167.42 -150.96
CA THR I 72 -33.78 -167.07 -150.38
CA ASN I 73 -35.85 -163.88 -150.28
CA LYS I 74 -39.45 -162.78 -150.77
CA THR I 75 -38.78 -159.86 -153.12
CA GLY I 76 -37.28 -161.58 -156.15
CA VAL I 77 -34.48 -159.01 -156.14
CA SER I 78 -31.05 -160.37 -157.09
CA PRO I 79 -28.47 -160.68 -154.26
CA GLU I 80 -25.82 -159.42 -156.68
CA GLY I 81 -24.11 -156.18 -155.77
CA VAL I 82 -24.62 -152.96 -157.74
CA SER I 83 -21.97 -150.33 -158.46
CA GLN I 84 -22.63 -146.63 -157.93
CA THR I 85 -23.05 -144.31 -160.94
CA ASP I 86 -22.34 -140.56 -160.92
CA TYR I 87 -22.23 -137.45 -163.09
CA TRP I 88 -18.90 -135.64 -163.16
CA ALA I 89 -19.62 -131.93 -163.69
CA PHE I 90 -17.07 -129.37 -164.89
CA SER I 91 -17.23 -125.57 -165.13
CA GLY I 92 -14.94 -122.64 -165.81
CA THR I 93 -12.00 -122.15 -168.14
CA VAL I 94 -8.55 -123.78 -167.97
CA THR I 95 -6.38 -120.99 -166.54
CA ASP I 96 -2.79 -120.44 -165.40
CA ASP I 97 -1.67 -116.79 -165.49
CA SER I 98 1.84 -117.95 -164.61
CA LEU I 99 2.17 -119.43 -168.10
CA PRO I 100 1.45 -118.30 -171.68
CA PRO I 101 -1.83 -119.19 -173.45
CA GLY I 102 -2.10 -122.74 -174.75
CA SER I 103 0.58 -123.97 -172.35
CA PRO I 104 0.13 -127.72 -171.76
CA ILE I 105 -0.58 -128.61 -168.12
CA THR I 106 -1.59 -131.59 -165.99
CA VAL I 107 -4.99 -131.40 -164.29
CA LEU I 108 -6.10 -133.93 -161.68
CA VAL I 109 -9.77 -134.91 -161.88
CA PHE I 110 -10.67 -136.96 -158.78
CA GLY I 111 -7.08 -138.17 -158.89
CA LEU I 112 -7.10 -138.82 -162.62
CA PRO I 113 -4.30 -137.07 -164.57
CA VAL I 114 -5.72 -135.26 -167.61
CA SER I 115 -3.55 -133.55 -170.25
CA ALA I 116 -4.85 -129.99 -170.51
CA THR I 117 -3.86 -126.61 -172.01
CA THR I 118 -4.51 -123.11 -170.64
CA GLY I 119 -7.40 -121.34 -172.34
CA MET I 120 -9.67 -124.37 -172.79
CA THR I 121 -13.34 -124.06 -171.90
CA ALA I 122 -15.19 -126.56 -169.69
CA ILE I 123 -16.44 -128.49 -172.73
CA GLU I 124 -12.97 -128.69 -174.29
CA PHE I 125 -11.57 -129.86 -170.96
CA VAL I 126 -14.11 -132.70 -170.70
CA ALA I 127 -12.78 -134.08 -173.98
CA LYS I 128 -9.47 -134.49 -172.15
CA VAL I 129 -11.30 -136.10 -169.24
CA ARG I 130 -12.72 -138.76 -171.56
CA VAL I 131 -9.16 -139.86 -172.29
CA ALA I 132 -8.38 -139.91 -168.57
CA LEU I 133 -11.33 -142.17 -167.78
CA GLN I 134 -10.27 -144.35 -170.73
CA GLU I 135 -6.77 -145.03 -169.38
CA ALA I 136 -8.18 -145.61 -165.89
CA ILE I 137 -10.74 -148.09 -167.23
CA ALA I 138 -8.16 -149.86 -169.39
CA SER I 139 -5.94 -150.08 -166.32
CA PHE I 140 -8.74 -151.58 -164.19
CA THR I 141 -8.26 -148.69 -161.78
CA ALA I 142 -11.44 -147.72 -159.88
CA ILE I 143 -13.45 -146.91 -163.03
CA ASN I 144 -15.63 -149.60 -164.61
CA SER I 145 -17.22 -147.63 -167.47
CA TYR I 146 -18.33 -144.19 -168.63
CA LYS I 147 -20.63 -142.44 -171.10
CA ASP I 148 -21.47 -138.88 -172.14
CA HIS I 149 -24.18 -136.97 -170.30
CA PRO I 150 -27.54 -137.31 -172.08
CA THR I 151 -27.76 -133.55 -172.60
CA ASP I 152 -25.14 -131.39 -170.87
CA GLY I 153 -21.77 -131.57 -172.62
CA SER I 154 -19.96 -130.36 -169.51
CA LYS I 155 -20.92 -133.59 -167.70
CA LEU I 156 -20.02 -137.27 -167.90
CA GLU I 157 -21.73 -140.38 -166.53
CA VAL I 158 -19.42 -142.72 -164.61
CA THR I 159 -19.72 -146.19 -163.02
CA TYR I 160 -17.18 -147.69 -160.59
CA LEU I 161 -15.70 -151.23 -160.42
CA ASP I 162 -16.51 -151.72 -156.72
CA ASN I 163 -19.98 -151.47 -155.16
CA GLN I 164 -19.07 -149.12 -152.29
CA LYS I 165 -20.67 -145.70 -151.73
CA HIS I 166 -18.63 -142.69 -152.82
CA VAL I 167 -19.20 -139.06 -151.82
CA LEU I 168 -16.78 -136.65 -153.50
CA SER I 169 -16.29 -133.06 -152.38
CA THR I 170 -16.62 -130.27 -154.95
CA TYR I 171 -13.33 -128.50 -155.71
CA SER I 172 -11.63 -126.13 -158.14
CA THR I 173 -8.23 -126.49 -159.78
CA TYR I 174 -6.65 -124.49 -162.61
CA GLY I 175 -9.78 -122.40 -162.94
CA ILE I 176 -12.00 -125.44 -163.43
CA THR I 177 -14.54 -126.42 -160.80
CA ILE I 178 -15.20 -130.16 -160.51
CA SER I 179 -18.30 -131.63 -158.89
CA GLN I 180 -20.06 -134.95 -158.30
CA GLU I 181 -23.73 -135.84 -158.72
CA ILE I 182 -24.80 -139.31 -157.49
CA ILE I 183 -27.19 -140.80 -160.05
CA SER I 184 -27.74 -144.41 -158.99
CA GLU I 185 -26.88 -145.76 -155.53
CA SER I 186 -24.71 -148.85 -155.12
CA LYS I 187 -26.06 -151.98 -153.40
CA PRO I 188 -24.41 -154.58 -151.12
CA GLY I 189 -23.67 -157.94 -152.71
CA TYR I 190 -21.13 -160.09 -154.53
CA GLY I 191 -20.78 -162.84 -157.15
CA THR I 192 -23.13 -164.05 -159.87
CA TRP I 193 -26.48 -165.46 -158.73
CA ASN I 194 -29.10 -167.33 -160.74
CA LEU I 195 -32.80 -167.22 -159.88
CA LEU I 196 -33.78 -170.90 -159.72
CA GLY I 197 -37.46 -170.05 -159.52
CA ALA I 198 -40.22 -169.63 -156.96
CA GLN I 199 -41.58 -171.89 -154.26
CA THR I 200 -45.04 -171.25 -152.84
CA VAL I 201 -45.36 -172.61 -149.32
CA THR I 202 -48.06 -172.36 -146.70
CA LEU I 203 -46.24 -172.06 -143.38
CA ASP I 204 -47.39 -174.16 -140.43
CA ASN I 205 -50.91 -173.32 -139.27
CA GLN I 206 -51.30 -170.42 -141.70
CA GLN I 207 -54.28 -169.82 -143.99
CA THR I 208 -52.26 -167.77 -146.48
CA PRO I 209 -49.42 -169.00 -148.76
CA THR I 210 -46.08 -167.21 -149.06
CA VAL I 211 -43.89 -167.09 -152.17
CA PHE I 212 -40.15 -167.60 -151.78
CA TYR I 213 -37.53 -166.89 -154.44
CA HIS I 214 -34.38 -169.02 -154.50
CA PHE I 215 -31.10 -167.82 -155.99
CA GLU I 216 -28.04 -170.01 -156.50
CA ARG I 217 -24.52 -168.64 -156.61
CA THR I 218 -23.08 -169.73 -159.96
CA ALA I 219 -19.84 -167.71 -159.82
CA SER J 12 28.35 31.86 -194.29
CA ARG J 13 31.13 34.45 -194.60
CA LEU J 14 30.09 38.10 -194.26
CA ALA J 15 27.02 39.00 -196.37
CA ASP J 16 24.74 37.24 -193.86
CA PHE J 17 26.14 39.60 -191.21
CA LEU J 18 26.24 42.92 -193.08
CA GLY J 19 23.33 45.29 -192.60
CA PHE J 20 21.18 46.49 -195.49
CA ARG J 21 18.83 49.49 -195.36
CA PRO J 22 15.41 48.47 -196.71
CA LYS J 23 13.36 50.75 -198.94
CA THR J 24 10.63 52.58 -197.02
CA GLY J 25 7.19 51.23 -197.91
CA ASP J 26 8.70 48.30 -199.83
CA ILE J 27 6.62 45.10 -199.83
CA ASP J 28 7.98 43.60 -203.06
CA VAL J 29 8.91 40.35 -201.31
CA MET J 30 5.79 38.18 -201.45
CA ASN J 31 3.56 41.26 -201.09
CA ARG J 32 4.55 41.29 -197.41
CA GLN J 33 8.00 42.73 -196.75
CA SER J 34 10.94 44.75 -198.03
CA VAL J 35 13.88 43.44 -200.05
CA GLY J 36 16.56 42.52 -197.53
CA SER J 37 14.29 41.65 -194.60
CA VAL J 38 15.92 39.19 -192.20
CA THR J 39 15.25 35.53 -192.96
CA ILE J 40 15.49 32.29 -191.03
CA SER J 41 18.95 31.73 -192.57
CA GLN J 42 20.39 34.76 -190.77
CA LEU J 43 18.45 34.13 -187.56
CA ALA J 44 19.97 30.64 -187.39
CA LYS J 45 23.40 32.29 -187.56
CA GLY J 46 22.66 34.87 -184.87
CA PHE J 47 21.94 37.92 -187.03
CA TYR J 48 18.58 39.67 -186.61
CA GLU J 49 18.63 42.68 -188.93
CA PRO J 50 17.85 43.29 -192.63
CA ASN J 51 21.00 42.29 -194.52
CA ILE J 52 22.90 42.09 -197.80
CA GLU J 53 22.73 38.29 -198.19
CA SER J 54 18.95 38.44 -198.00
CA ALA J 55 18.68 41.52 -200.24
CA ILE J 56 20.66 39.90 -203.06
CA ASN J 57 18.69 36.66 -202.73
CA ASP J 58 15.42 38.63 -203.00
CA VAL J 59 16.39 40.45 -206.21
CA HIS J 60 17.71 37.16 -207.61
CA ASN J 61 14.17 35.83 -207.02
CA PHE J 62 12.69 38.79 -208.94
CA SER J 63 14.95 38.41 -211.98
CA ILE J 64 14.68 34.74 -212.96
CA LYS J 65 11.55 33.89 -214.96
CA ASP J 66 10.15 30.37 -214.69
CA VAL J 67 10.91 27.68 -217.25
CA GLY J 68 8.07 27.86 -219.78
CA THR J 69 8.05 31.66 -219.79
CA ILE J 70 8.01 33.48 -223.13
CA ILE J 71 10.30 36.36 -224.05
CA THR J 72 9.48 38.37 -227.18
CA ASN J 73 11.78 40.58 -229.26
CA LYS J 74 12.12 41.95 -232.79
CA THR J 75 15.78 41.06 -233.32
CA GLY J 76 15.64 37.28 -233.18
CA VAL J 77 18.59 37.32 -230.79
CA SER J 78 18.50 34.73 -227.99
CA PRO J 79 17.97 35.93 -224.36
CA GLU J 80 20.79 33.56 -223.33
CA GLY J 81 23.93 35.03 -221.81
CA VAL J 82 27.41 34.87 -223.32
CA SER J 83 30.76 34.64 -221.49
CA GLN J 84 33.67 36.97 -222.29
CA THR J 85 36.68 35.51 -224.15
CA ASP J 86 40.26 36.75 -223.78
CA TYR J 87 43.80 36.18 -224.90
CA TRP J 88 46.26 36.13 -221.99
CA ALA J 89 49.68 37.28 -223.22
CA PHE J 90 53.06 36.65 -221.62
CA SER J 91 56.62 37.89 -222.16
CA GLY J 92 59.99 37.90 -220.43
CA THR J 93 61.97 35.35 -218.41
CA VAL J 94 61.06 34.01 -214.98
CA THR J 95 63.41 35.83 -212.61
CA ASP J 96 64.27 35.67 -208.90
CA ASP J 97 67.61 37.33 -208.17
CA SER J 98 67.30 35.90 -204.65
CA LEU J 99 67.47 32.32 -205.97
CA PRO J 100 69.91 30.28 -208.12
CA PRO J 101 69.16 29.36 -211.78
CA GLY J 102 66.53 26.62 -212.04
CA SER J 103 65.00 27.20 -208.61
CA PRO J 104 61.31 26.22 -208.35
CA ILE J 105 58.90 29.07 -207.55
CA THR J 106 55.16 29.77 -207.58
CA VAL J 107 53.90 32.60 -209.79
CA LEU J 108 50.38 34.02 -209.66
CA VAL J 109 48.73 34.52 -213.06
CA PHE J 110 45.56 36.52 -212.42
CA GLY J 111 45.37 34.63 -209.14
CA LEU J 112 46.08 31.17 -210.57
CA PRO J 113 49.13 29.51 -208.96
CA VAL J 114 51.68 28.53 -211.61
CA SER J 115 54.58 26.18 -210.83
CA ALA J 116 57.61 27.79 -212.50
CA THR J 117 61.42 27.62 -212.30
CA THR J 118 63.83 30.55 -212.55
CA GLY J 119 65.32 30.60 -216.04
CA MET J 120 62.16 29.64 -217.96
CA THR J 121 61.36 31.60 -221.10
CA ALA J 122 57.88 33.07 -221.60
CA ILE J 123 57.03 30.17 -223.92
CA GLU J 124 58.08 27.65 -221.26
CA PHE J 125 56.06 29.54 -218.66
CA VAL J 126 52.93 29.46 -220.82
CA ALA J 127 53.19 25.67 -220.70
CA LYS J 128 52.95 25.88 -216.90
CA VAL J 129 50.02 28.27 -217.21
CA ARG J 130 48.20 25.64 -219.25
CA VAL J 131 48.41 23.36 -216.22
CA ALA J 132 46.97 25.99 -213.86
CA LEU J 133 44.10 26.61 -216.28
CA GLN J 134 43.35 22.89 -216.46
CA GLU J 135 43.25 22.76 -212.64
CA ALA J 136 40.95 25.79 -212.43
CA ILE J 137 38.73 24.23 -215.08
CA ALA J 138 38.61 20.87 -213.26
CA SER J 139 37.60 22.55 -209.99
CA PHE J 140 35.09 24.76 -211.84
CA THR J 141 36.82 27.87 -210.56
CA ALA J 142 36.10 30.86 -212.81
CA ILE J 143 37.53 29.23 -215.94
CA ASN J 144 35.29 27.48 -218.45
CA SER J 145 37.82 26.59 -221.14
CA TYR J 146 41.08 27.56 -222.82
CA LYS J 147 42.70 27.07 -226.22
CA ASP J 148 46.19 27.73 -227.55
CA HIS J 149 46.69 30.80 -229.72
CA PRO J 150 46.87 29.46 -233.30
CA THR J 151 50.10 31.25 -234.25
CA ASP J 152 51.62 32.77 -231.08
CA GLY J 153 53.17 30.46 -228.49
CA SER J 154 53.18 33.17 -225.80
CA LYS J 155 49.37 33.64 -225.74
CA LEU J 156 46.38 31.57 -224.61
CA GLU J 157 42.68 32.05 -225.31
CA VAL J 158 40.46 31.75 -222.23
CA THR J 159 36.69 31.74 -221.69
CA TYR J 160 34.99 32.27 -218.31
CA LEU J 161 32.17 30.44 -216.54
CA ASP J 162 30.19 33.61 -215.78
CA ASN J 163 28.91 36.18 -218.28
CA GLN J 164 30.21 39.23 -216.43
CA LYS J 165 32.55 41.87 -217.82
CA HIS J 166 36.20 41.51 -216.81
CA VAL J 167 38.92 44.12 -217.22
CA LEU J 168 42.26 42.77 -216.02
CA SER J 169 45.24 45.04 -215.28
CA THR J 170 48.62 44.39 -216.89
CA TYR J 171 51.35 43.58 -214.38
CA SER J 172 54.80 42.07 -213.97
CA THR J 173 55.75 39.39 -211.47
CA TYR J 174 59.10 37.63 -211.23
CA GLY J 175 60.19 39.00 -214.60
CA ILE J 176 57.06 37.82 -216.42
CA THR J 177 54.72 40.47 -217.80
CA ILE J 178 51.09 39.33 -217.94
CA SER J 179 48.39 41.17 -219.93
CA GLN J 180 44.79 40.75 -221.10
CA GLU J 181 43.41 41.23 -224.61
CA ILE J 182 39.61 41.01 -224.72
CA ILE J 183 38.53 39.10 -227.84
CA SER J 184 34.76 38.82 -227.39
CA GLU J 185 32.45 40.73 -225.06
CA SER J 186 30.15 39.02 -222.58
CA LYS J 187 26.38 39.44 -222.92
CA PRO J 188 23.65 39.66 -220.25
CA GLY J 189 21.28 36.71 -219.89
CA TYR J 190 20.64 33.35 -218.22
CA GLY J 191 19.13 29.93 -218.85
CA THR J 192 18.43 28.00 -222.03
CA TRP J 193 15.94 29.55 -224.45
CA ASN J 194 14.33 28.08 -227.54
CA LEU J 195 13.03 30.06 -230.52
CA LEU J 196 9.40 29.00 -230.94
CA GLY J 197 8.96 30.82 -234.21
CA ALA J 198 7.79 34.19 -235.47
CA GLN J 199 4.46 35.98 -235.28
CA THR J 200 3.57 38.62 -237.84
CA VAL J 201 1.15 41.14 -236.35
CA THR J 202 -0.29 44.34 -237.76
CA LEU J 203 -0.88 46.56 -234.75
CA ASP J 204 -4.36 48.13 -234.46
CA ASN J 205 -4.35 51.25 -236.64
CA GLN J 206 -1.22 50.53 -238.65
CA GLN J 207 -0.41 49.73 -242.27
CA THR J 208 2.82 47.77 -241.95
CA PRO J 209 3.00 44.35 -240.22
CA THR J 210 5.44 43.76 -237.39
CA VAL J 211 7.38 40.52 -237.08
CA PHE J 212 7.91 39.32 -233.50
CA TYR J 213 10.13 36.43 -232.38
CA HIS J 214 9.15 34.33 -229.37
CA PHE J 215 11.63 32.47 -227.16
CA GLU J 216 10.62 29.98 -224.47
CA ARG J 217 12.80 29.17 -221.49
CA THR J 218 13.45 25.42 -221.49
CA ALA J 219 16.08 25.21 -218.73
CA SER K 12 21.56 53.86 -192.60
CA ARG K 13 23.21 50.41 -192.54
CA LEU K 14 26.63 48.94 -193.34
CA ALA K 15 25.72 48.47 -197.03
CA ASP K 16 25.53 52.26 -197.61
CA PHE K 17 29.18 52.49 -196.64
CA LEU K 18 30.67 49.42 -198.32
CA GLY K 19 32.36 50.11 -201.63
CA PHE K 20 31.15 48.54 -204.87
CA ARG K 21 33.17 48.43 -208.11
CA PRO K 22 30.91 49.54 -211.00
CA LYS K 23 31.14 47.95 -214.43
CA THR K 24 33.24 49.90 -216.93
CA GLY K 25 31.01 51.57 -219.51
CA ASP K 26 27.82 50.74 -217.62
CA ILE K 27 24.97 53.25 -217.99
CA ASP K 28 22.06 50.93 -217.21
CA VAL K 29 20.78 53.26 -214.48
CA MET K 30 18.40 55.72 -216.16
CA ASN K 31 20.51 55.64 -219.34
CA ARG K 32 23.22 57.67 -217.60
CA GLN K 33 25.20 55.90 -214.88
CA SER K 34 26.53 52.59 -213.60
CA VAL K 35 24.84 50.24 -211.14
CA GLY K 36 26.19 51.18 -207.71
CA SER K 37 26.80 54.88 -208.42
CA VAL K 38 26.72 56.94 -205.23
CA THR K 39 23.36 58.54 -204.47
CA ILE K 40 22.15 61.42 -202.29
CA SER K 41 21.31 58.90 -199.56
CA GLN K 42 25.00 58.18 -199.07
CA LEU K 43 26.19 61.75 -199.65
CA ALA K 44 23.92 62.88 -196.82
CA LYS K 45 25.83 60.59 -194.45
CA GLY K 46 29.25 61.64 -195.71
CA PHE K 47 30.02 58.76 -198.08
CA TYR K 48 30.96 59.63 -201.67
CA GLU K 49 31.86 56.31 -203.30
CA PRO K 50 29.88 53.80 -205.38
CA ASN K 51 28.39 51.32 -202.89
CA ILE K 52 26.57 48.05 -202.24
CA GLU K 53 23.36 49.65 -200.99
CA SER K 54 23.03 51.66 -204.19
CA ALA K 55 23.91 48.70 -206.42
CA ILE K 56 21.31 46.42 -204.86
CA ASN K 57 18.67 49.16 -205.00
CA ASP K 58 19.49 49.66 -208.69
CA VAL K 59 19.09 45.99 -209.65
CA HIS K 60 15.93 45.97 -207.54
CA ASN K 61 14.62 48.75 -209.81
CA PHE K 62 15.51 46.72 -212.94
CA SER K 63 13.69 43.54 -211.87
CA ILE K 64 10.25 44.70 -210.74
CA LYS K 65 7.78 45.30 -213.58
CA ASP K 66 4.92 47.78 -213.18
CA VAL K 67 1.43 46.70 -212.18
CA GLY K 68 -0.48 46.07 -215.40
CA THR K 69 2.50 44.38 -217.05
CA ILE K 70 1.86 41.06 -218.82
CA ILE K 71 3.88 37.86 -218.47
CA THR K 72 3.25 35.05 -220.93
CA ASN K 73 4.07 31.36 -220.58
CA LYS K 74 2.93 28.00 -221.96
CA THR K 75 2.55 26.27 -218.57
CA GLY K 76 -0.31 28.14 -216.94
CA VAL K 77 1.83 28.40 -213.80
CA SER K 78 1.55 31.72 -211.95
CA PRO K 79 4.60 34.05 -211.95
CA GLU K 80 3.93 34.64 -208.24
CA GLY K 81 6.63 33.56 -205.82
CA VAL K 82 6.17 30.61 -203.46
CA SER K 83 7.58 30.35 -199.92
CA GLN K 84 9.54 27.30 -198.75
CA THR K 85 7.94 25.02 -196.13
CA ASP K 86 9.85 22.70 -193.78
CA TYR K 87 9.48 20.42 -190.80
CA TRP K 88 11.52 21.46 -187.76
CA ALA K 89 12.47 18.29 -185.89
CA PHE K 90 13.65 17.84 -182.30
CA SER K 91 15.15 15.02 -180.22
CA GLY K 92 16.62 14.61 -176.75
CA THR K 93 16.04 16.13 -173.31
CA VAL K 94 16.71 19.74 -172.31
CA THR K 95 19.96 19.40 -170.38
CA ASP K 96 22.29 21.63 -168.32
CA ASP K 97 23.85 19.63 -165.48
CA SER K 98 25.13 22.80 -163.80
CA LEU K 99 21.52 23.58 -162.92
CA PRO K 100 18.95 21.70 -160.78
CA PRO K 101 16.07 19.85 -162.51
CA GLY K 102 13.36 22.18 -163.76
CA SER K 103 15.57 25.26 -164.08
CA PRO K 104 14.29 27.89 -166.55
CA ILE K 105 16.60 28.50 -169.48
CA THR K 106 16.53 30.09 -172.93
CA VAL K 107 17.29 27.81 -175.86
CA LEU K 108 17.90 29.23 -179.33
CA VAL K 109 16.06 27.36 -182.08
CA PHE K 110 17.30 28.63 -185.46
CA GLY K 111 17.68 31.97 -183.71
CA LEU K 112 14.28 32.05 -182.00
CA PRO K 113 14.54 32.34 -178.19
CA VAL K 114 12.60 29.51 -176.55
CA SER K 115 11.71 29.49 -172.84
CA ALA K 116 12.31 25.98 -171.55
CA THR K 117 13.21 24.16 -168.36
CA THR K 118 15.86 21.52 -167.78
CA GLY K 119 14.36 18.04 -167.82
CA MET K 120 11.86 18.68 -170.62
CA THR K 121 11.49 15.88 -173.16
CA ALA K 122 11.49 16.89 -176.84
CA ILE K 123 7.70 16.66 -176.88
CA GLU K 124 7.48 19.20 -174.05
CA PHE K 125 10.15 21.39 -175.64
CA VAL K 126 8.25 21.50 -178.92
CA ALA K 127 5.24 22.94 -177.10
CA LYS K 128 7.45 25.88 -176.13
CA VAL K 129 8.81 26.20 -179.67
CA ARG K 130 5.18 26.74 -180.77
CA VAL K 131 5.11 29.85 -178.56
CA ALA K 132 8.35 31.20 -180.03
CA LEU K 133 6.98 30.69 -183.56
CA GLN K 134 3.79 32.53 -182.59
CA GLU K 135 5.92 35.45 -181.36
CA ALA K 136 7.99 35.57 -184.55
CA ILE K 137 4.81 35.44 -186.65
CA ALA K 138 3.25 38.23 -184.59
CA SER K 139 6.27 40.49 -185.10
CA PHE K 140 6.44 39.56 -188.81
CA THR K 141 9.97 38.26 -188.33
CA ALA K 142 10.93 35.63 -190.94
CA ILE K 143 8.03 33.28 -190.13
CA ASN K 144 4.73 33.33 -192.03
CA SER K 145 2.92 30.46 -190.36
CA TYR K 146 3.29 27.06 -188.68
CA LYS K 147 1.25 23.95 -188.05
CA ASP K 148 1.60 20.88 -185.84
CA HIS K 149 2.78 17.65 -187.42
CA PRO K 150 -0.20 15.28 -187.75
CA THR K 151 1.52 12.16 -186.43
CA ASP K 152 4.70 13.31 -184.66
CA GLY K 153 4.74 15.41 -181.49
CA SER K 154 8.44 16.15 -181.94
CA LYS K 155 8.05 17.99 -185.27
CA LEU K 156 6.48 21.24 -186.50
CA GLU K 157 5.68 22.48 -190.01
CA VAL K 158 6.91 26.01 -190.79
CA THR K 159 6.46 28.35 -193.76
CA TYR K 160 8.55 31.52 -194.25
CA LEU K 161 7.60 35.07 -195.27
CA ASP K 162 10.18 35.30 -198.05
CA ASN K 163 10.50 32.99 -201.04
CA GLN K 164 14.24 32.42 -200.70
CA LYS K 165 15.77 28.95 -200.29
CA HIS K 166 16.93 28.01 -196.80
CA VAL K 167 19.16 25.06 -195.89
CA LEU K 168 19.64 25.02 -192.13
CA SER K 169 22.44 23.17 -190.38
CA THR K 170 21.49 20.53 -187.83
CA TYR K 171 22.91 21.21 -184.37
CA SER K 172 22.60 20.38 -180.69
CA THR K 173 22.07 22.81 -177.84
CA TYR K 174 21.33 22.08 -174.19
CA GLY K 175 20.80 18.42 -175.05
CA ILE K 176 18.30 19.03 -177.85
CA THR K 177 19.17 18.11 -181.44
CA ILE K 178 17.49 20.46 -183.92
CA SER K 179 17.17 19.71 -187.64
CA GLN K 180 15.38 20.83 -190.80
CA GLU K 181 13.46 18.68 -193.30
CA ILE K 182 12.48 20.54 -196.48
CA ILE K 183 8.93 19.64 -197.54
CA SER K 184 8.29 21.98 -200.45
CA GLU K 185 10.76 24.19 -202.30
CA SER K 186 10.35 27.94 -202.67
CA LYS K 187 9.80 29.41 -206.14
CA PRO K 188 11.07 32.72 -207.58
CA GLY K 189 8.56 35.45 -208.23
CA TYR K 190 6.94 38.53 -206.76
CA GLY K 191 3.66 40.46 -206.56
CA THR K 192 0.13 39.34 -207.38
CA TRP K 193 -0.73 38.08 -210.86
CA ASN K 194 -4.07 37.28 -212.49
CA LEU K 195 -4.50 34.75 -215.30
CA LEU K 196 -6.23 36.80 -218.03
CA GLY K 197 -6.81 33.72 -220.11
CA ALA K 198 -5.39 31.84 -223.06
CA GLN K 199 -4.61 32.81 -226.63
CA THR K 200 -4.24 30.19 -229.34
CA VAL K 201 -1.86 31.28 -232.05
CA THR K 202 -0.45 29.47 -235.06
CA LEU K 203 3.04 30.88 -235.49
CA ASP K 204 4.18 32.03 -238.95
CA ASN K 205 4.65 29.52 -241.75
CA GLN K 206 3.59 26.82 -239.25
CA GLN K 207 0.45 24.68 -239.14
CA THR K 208 0.47 23.58 -235.50
CA PRO K 209 -1.26 25.99 -233.08
CA THR K 210 0.33 27.03 -229.78
CA VAL K 211 -1.56 27.98 -226.64
CA PHE K 212 -0.17 30.90 -224.64
CA TYR K 213 -1.31 31.91 -221.15
CA HIS K 214 -1.26 35.59 -220.24
CA PHE K 215 -0.82 36.84 -216.68
CA GLU K 216 -1.27 40.43 -215.57
CA ARG K 217 0.28 41.91 -212.44
CA THR K 218 -2.59 43.22 -210.29
CA ALA K 219 -0.57 44.24 -207.23
CA SER L 12 39.30 47.78 -206.12
CA ARG L 13 36.37 48.18 -203.72
CA LEU L 14 35.26 46.23 -200.65
CA ALA L 15 32.52 44.25 -202.44
CA ASP L 16 35.21 42.24 -204.29
CA PHE L 17 36.51 41.05 -200.89
CA LEU L 18 33.30 40.41 -198.93
CA GLY L 19 31.97 36.89 -198.89
CA PHE L 20 28.57 35.90 -200.25
CA ARG L 21 26.90 32.58 -199.40
CA PRO L 22 25.62 31.05 -202.66
CA LYS L 23 22.16 29.53 -202.97
CA THR L 24 22.27 25.74 -202.60
CA GLY L 25 21.96 23.96 -205.96
CA ASP L 26 21.93 27.29 -207.82
CA ILE L 27 23.12 27.15 -211.43
CA ASP L 28 21.38 30.30 -212.71
CA VAL L 29 24.70 31.69 -213.96
CA MET L 30 25.14 30.35 -217.51
CA ASN L 31 23.44 27.08 -216.48
CA ARG L 32 26.71 26.29 -214.69
CA GLN L 33 27.15 27.97 -211.31
CA SER L 34 25.51 29.89 -208.50
CA VAL L 35 24.99 33.63 -208.30
CA GLY L 36 28.06 35.08 -206.59
CA SER L 37 30.58 32.42 -207.65
CA VAL L 38 34.17 33.69 -207.76
CA THR L 39 35.27 35.24 -211.06
CA ILE L 40 38.63 36.03 -212.64
CA SER L 41 38.28 39.67 -211.46
CA GLN L 42 38.45 38.59 -207.81
CA LEU L 43 41.11 35.93 -208.38
CA ALA L 44 43.28 38.61 -209.98
CA LYS L 45 43.00 40.59 -206.74
CA GLY L 46 43.68 37.69 -204.39
CA PHE L 47 40.17 36.73 -203.33
CA TYR L 48 39.10 33.13 -203.95
CA GLU L 49 35.61 32.82 -202.45
CA PRO L 50 32.02 33.55 -203.59
CA ASN L 51 31.47 37.28 -203.11
CA ILE L 52 29.14 40.29 -203.09
CA GLU L 53 30.63 42.04 -206.13
CA SER L 54 30.09 38.94 -208.29
CA ALA L 55 26.62 38.31 -206.84
CA ILE L 56 25.37 41.77 -207.73
CA ASN L 57 27.00 41.60 -211.17
CA ASP L 58 25.21 38.28 -211.86
CA VAL L 59 21.76 39.57 -210.87
CA HIS L 60 22.46 42.74 -212.89
CA ASN L 61 23.07 40.35 -215.83
CA PHE L 62 19.71 38.64 -215.23
CA SER L 63 17.55 41.77 -215.00
CA ILE L 64 18.53 43.82 -218.07
CA LYS L 65 16.80 42.62 -221.26
CA ASP L 66 18.50 43.12 -224.65
CA VAL L 67 17.75 46.06 -226.94
CA GLY L 68 14.89 44.93 -229.19
CA THR L 69 12.99 43.16 -226.39
CA ILE L 70 9.24 43.70 -226.12
CA ILE L 71 7.38 44.53 -222.91
CA THR L 72 3.60 44.26 -222.92
CA ASN L 73 1.12 45.83 -220.51
CA LYS L 74 -2.53 46.88 -220.42
CA THR L 75 -2.04 50.38 -219.00
CA GLY L 76 -0.03 52.08 -221.74
CA VAL L 77 2.38 53.35 -219.08
CA SER L 78 6.03 53.41 -220.16
CA PRO L 79 8.35 50.78 -218.57
CA GLU L 80 11.03 53.48 -218.28
CA GLY L 81 12.19 54.33 -214.79
CA VAL L 82 11.44 57.68 -213.13
CA SER L 83 13.78 59.60 -210.84
CA GLN L 84 12.58 61.05 -207.53
CA THR L 85 12.14 64.83 -207.14
CA ASP L 86 12.33 66.71 -203.83
CA TYR L 87 12.23 70.16 -202.27
CA TRP L 88 15.28 71.11 -200.22
CA ALA L 89 14.12 73.47 -197.45
CA PHE L 90 16.41 75.77 -195.46
CA SER L 91 15.76 77.92 -192.38
CA GLY L 92 17.70 79.98 -189.86
CA THR L 93 20.76 82.19 -190.13
CA VAL L 94 24.36 81.15 -190.85
CA THR L 95 25.98 81.32 -187.42
CA ASP L 96 29.34 80.58 -185.79
CA ASP L 97 29.97 82.51 -182.56
CA SER L 98 33.50 81.10 -182.51
CA LEU L 99 34.36 83.34 -185.47
CA PRO L 100 33.85 87.00 -186.44
CA PRO L 101 30.90 88.11 -188.61
CA GLY L 102 31.24 87.43 -192.33
CA SER L 103 33.81 84.69 -191.71
CA PRO L 104 33.82 82.27 -194.69
CA ILE L 105 32.88 78.71 -193.73
CA THR L 106 32.08 75.37 -195.36
CA VAL L 107 28.54 74.05 -194.89
CA LEU L 108 27.54 70.52 -195.91
CA VAL L 109 24.06 70.25 -197.45
CA PHE L 110 23.16 66.56 -197.78
CA GLY L 111 26.87 65.97 -198.27
CA LEU L 112 27.29 68.85 -200.71
CA PRO L 113 30.01 71.39 -199.73
CA VAL L 114 28.66 74.94 -199.96
CA SER L 115 30.82 78.04 -199.48
CA ALA L 116 29.08 80.11 -196.80
CA THR L 117 29.76 83.12 -194.53
CA THR L 118 28.51 83.73 -190.98
CA GLY L 119 25.59 86.14 -190.80
CA MET L 120 23.80 85.02 -193.96
CA THR L 121 20.05 84.47 -193.87
CA ALA L 122 18.35 81.31 -195.17
CA ILE L 123 17.67 82.96 -198.55
CA GLU L 124 21.27 84.14 -198.93
CA PHE L 125 22.49 80.66 -198.03
CA VAL L 126 20.34 79.02 -200.72
CA ALA L 127 22.15 81.12 -203.32
CA LYS L 128 25.29 79.30 -202.21
CA VAL L 129 23.42 75.99 -202.41
CA ARG L 130 22.60 76.64 -206.07
CA VAL L 131 26.34 76.66 -206.79
CA ALA L 132 26.75 73.42 -204.83
CA LEU L 133 24.07 71.63 -206.83
CA GLN L 134 25.70 73.04 -209.99
CA GLU L 135 29.10 71.48 -209.32
CA ALA L 136 27.45 68.20 -208.28
CA ILE L 137 25.40 68.13 -211.48
CA ALA L 138 28.38 69.03 -213.65
CA SER L 139 30.31 66.24 -211.93
CA PHE L 140 27.54 63.69 -212.58
CA THR L 141 27.39 63.09 -208.84
CA ALA L 142 23.95 62.01 -207.59
CA ILE L 143 22.16 65.16 -208.82
CA ASN L 144 20.52 65.17 -212.25
CA SER L 145 18.96 68.66 -212.29
CA TYR L 146 17.52 71.43 -210.13
CA LYS L 147 15.26 74.47 -210.25
CA ASP L 148 14.05 77.20 -207.91
CA HIS L 149 10.94 76.63 -205.80
CA PRO L 150 7.84 78.04 -207.54
CA THR L 151 7.17 80.41 -204.65
CA ASP L 152 9.30 79.99 -201.51
CA GLY L 153 12.81 81.35 -201.99
CA SER L 154 14.14 79.28 -199.10
CA LYS L 155 13.45 76.10 -201.08
CA LEU L 156 14.85 74.36 -204.17
CA GLU L 157 13.45 71.61 -206.39
CA VAL L 158 15.86 68.74 -207.05
CA THR L 159 15.88 65.60 -209.23
CA TYR L 160 18.35 62.71 -208.87
CA LEU L 161 20.27 60.74 -211.54
CA ASP L 162 19.17 57.31 -210.24
CA ASN L 163 15.57 56.16 -209.81
CA GLN L 164 15.88 54.87 -206.22
CA LYS L 165 13.79 56.17 -203.31
CA HIS L 166 15.50 58.61 -200.95
CA VAL L 167 14.35 59.62 -197.47
CA LEU L 168 16.58 62.26 -195.87
CA SER L 169 16.47 63.13 -192.18
CA THR L 170 16.02 66.78 -191.16
CA TYR L 171 19.10 68.27 -189.50
CA SER L 172 20.69 71.55 -188.43
CA THR L 173 24.26 72.73 -189.00
CA TYR L 174 25.82 76.16 -188.46
CA GLY L 175 22.47 77.56 -187.36
CA ILE L 176 20.75 76.46 -190.56
CA THR L 177 18.11 73.72 -190.48
CA ILE L 178 17.95 71.58 -193.63
CA SER L 179 14.92 69.48 -194.57
CA GLN L 180 13.58 67.29 -197.38
CA GLU L 181 10.11 67.25 -198.95
CA ILE L 182 9.42 64.45 -201.45
CA ILE L 183 7.51 65.92 -204.40
CA SER L 184 7.34 63.17 -207.01
CA GLU L 185 8.03 59.49 -206.28
CA SER L 186 10.56 57.54 -208.35
CA LYS L 187 9.48 54.47 -210.36
CA PRO L 188 11.23 51.15 -211.15
CA GLY L 189 12.57 50.80 -214.68
CA TYR L 190 15.54 51.22 -217.01
CA GLY L 191 16.50 52.06 -220.59
CA THR L 192 14.61 53.82 -223.38
CA TRP L 193 11.38 52.17 -224.55
CA ASN L 194 9.24 52.97 -227.58
CA LEU L 195 5.50 52.34 -227.67
CA LEU L 196 5.01 50.34 -230.86
CA GLY L 197 1.25 50.65 -230.66
CA ALA L 198 -1.78 48.71 -229.47
CA GLN L 199 -3.07 45.24 -230.25
CA THR L 200 -6.71 44.40 -229.57
CA VAL L 201 -7.18 40.69 -229.00
CA THR L 202 -10.13 38.59 -227.92
CA LEU L 203 -8.70 35.88 -225.70
CA ASP L 204 -9.83 32.28 -226.19
CA ASN L 205 -13.53 31.76 -225.47
CA GLN L 206 -14.07 35.35 -224.30
CA GLN L 207 -16.86 37.67 -225.43
CA THR L 208 -14.91 40.82 -224.61
CA PRO L 209 -11.73 42.11 -226.31
CA THR L 210 -8.64 43.25 -224.41
CA VAL L 211 -6.20 45.94 -225.51
CA PHE L 212 -2.47 45.29 -225.13
CA TYR L 213 0.27 47.90 -225.43
CA HIS L 214 3.66 46.82 -226.75
CA PHE L 215 6.88 48.67 -225.94
CA GLU L 216 10.24 47.94 -227.55
CA ARG L 217 13.54 48.69 -225.87
CA THR L 218 15.43 50.98 -228.23
CA ALA L 219 18.34 51.85 -225.91
CA SER M 12 42.39 182.83 -65.89
CA ARG M 13 44.81 184.39 -63.40
CA LEU M 14 43.26 185.97 -60.30
CA ALA M 15 40.32 188.29 -61.10
CA ASP M 16 38.06 185.26 -61.70
CA PHE M 17 38.87 184.17 -58.16
CA LEU M 18 38.71 187.48 -56.25
CA GLY M 19 35.47 188.32 -54.47
CA PHE M 20 33.46 191.44 -55.27
CA ARG M 21 30.73 192.90 -53.04
CA PRO M 22 27.63 193.59 -55.16
CA LYS M 23 25.52 196.70 -54.68
CA THR M 24 22.39 196.03 -52.60
CA GLY M 25 19.26 196.16 -54.77
CA ASP M 26 21.33 196.28 -57.96
CA ILE M 27 19.71 194.68 -61.02
CA ASP M 28 21.56 196.67 -63.69
CA VAL M 29 22.75 193.48 -65.42
CA MET M 30 19.97 192.54 -67.86
CA ASN M 31 17.32 193.83 -65.43
CA ARG M 32 17.95 190.67 -63.38
CA GLN M 33 21.09 190.80 -61.26
CA SER M 34 23.85 192.88 -59.71
CA VAL M 35 27.11 193.91 -61.35
CA GLY M 36 29.64 191.24 -60.42
CA SER M 37 27.24 188.31 -60.06
CA VAL M 38 28.94 184.96 -60.67
CA THR M 39 28.85 183.76 -64.28
CA ILE M 40 29.33 180.44 -66.01
CA SER M 41 32.97 181.42 -66.70
CA GLN M 42 33.80 181.41 -62.98
CA LEU M 43 31.67 178.34 -62.22
CA ALA M 44 33.63 176.41 -64.85
CA LYS M 45 36.80 177.34 -62.97
CA GLY M 46 35.47 176.37 -59.56
CA PHE M 47 34.55 179.79 -58.16
CA TYR M 48 30.96 180.37 -57.02
CA GLU M 49 30.83 183.90 -55.63
CA PRO M 50 30.34 187.40 -57.09
CA ASN M 51 33.76 188.48 -58.38
CA ILE M 52 35.98 191.15 -59.88
CA GLU M 53 36.36 189.56 -63.32
CA SER M 54 32.59 189.53 -63.73
CA ALA M 55 32.12 193.03 -62.28
CA ILE M 56 34.56 194.60 -64.75
CA ASN M 57 33.02 192.68 -67.67
CA ASP M 58 29.56 193.96 -66.66
CA VAL M 59 30.58 197.64 -66.56
CA HIS M 60 32.46 197.14 -69.83
CA ASN M 61 29.09 196.01 -71.27
CA PHE M 62 27.42 199.18 -69.96
CA SER M 63 29.99 201.57 -71.44
CA ILE M 64 30.32 200.55 -75.10
CA LYS M 65 27.53 201.88 -77.33
CA ASP M 66 26.60 199.85 -80.41
CA VAL M 67 27.96 200.68 -83.85
CA GLY M 68 25.37 202.97 -85.44
CA THR M 69 24.84 204.93 -82.23
CA ILE M 70 24.89 208.73 -82.37
CA ILE M 71 26.85 210.96 -80.00
CA THR M 72 26.07 214.69 -80.00
CA ASN M 73 28.24 217.58 -78.79
CA LYS M 74 28.73 221.31 -79.35
CA THR M 75 32.51 221.26 -79.78
CA GLY M 76 32.86 219.19 -82.93
CA VAL M 77 35.54 217.12 -81.21
CA SER M 78 35.53 213.40 -82.01
CA PRO M 79 34.49 210.91 -79.26
CA GLU M 80 37.49 208.77 -80.29
CA GLY M 81 40.25 208.16 -77.76
CA VAL M 82 43.85 209.33 -78.09
CA SER M 83 47.01 207.60 -76.82
CA GLN M 84 49.64 209.44 -74.76
CA THR M 85 52.98 210.23 -76.43
CA ASP M 86 56.31 210.50 -74.61
CA TYR M 87 59.99 211.12 -75.07
CA TRP M 88 62.15 208.56 -73.25
CA ALA M 89 65.48 210.16 -72.32
CA PHE M 90 68.74 208.41 -71.49
CA SER M 91 72.14 209.46 -70.13
CA GLY M 92 75.30 207.93 -68.70
CA THR M 93 77.39 204.87 -69.52
CA VAL M 94 76.35 201.24 -69.09
CA THR M 95 78.19 200.11 -65.97
CA ASP M 96 78.70 196.82 -64.09
CA ASP M 97 81.71 197.00 -61.77
CA SER M 98 81.25 193.25 -61.27
CA LEU M 99 82.03 192.55 -64.94
CA PRO M 100 84.92 193.32 -67.35
CA PRO M 101 84.66 196.00 -70.10
CA GLY M 102 82.45 194.86 -72.98
CA SER M 103 80.54 192.23 -71.01
CA PRO M 104 77.01 191.56 -72.32
CA ILE M 105 74.17 192.36 -69.90
CA THR M 106 70.39 192.80 -69.93
CA VAL M 107 68.98 196.16 -68.85
CA LEU M 108 65.30 196.83 -68.17
CA VAL M 109 63.93 200.02 -69.72
CA PHE M 110 60.48 200.56 -68.23
CA GLY M 111 60.23 196.77 -68.20
CA LEU M 112 61.53 196.22 -71.74
CA PRO M 113 64.61 193.94 -71.84
CA VAL M 114 67.51 195.68 -73.58
CA SER M 115 70.60 193.76 -74.71
CA ALA M 116 73.54 195.98 -73.69
CA THR M 117 77.31 195.68 -73.10
CA THR M 118 79.31 197.35 -70.35
CA GLY M 119 81.11 200.35 -71.82
CA MET M 120 78.30 201.55 -74.11
CA THR M 121 77.56 205.28 -74.16
CA ALA M 122 73.97 206.50 -73.73
CA ILE M 123 73.75 207.02 -77.50
CA GLU M 124 74.87 203.44 -78.13
CA PHE M 125 72.37 202.19 -75.55
CA VAL M 126 69.50 204.06 -77.22
CA ALA M 127 70.26 202.01 -80.34
CA LYS M 128 69.63 198.86 -78.29
CA VAL M 129 66.45 200.38 -76.89
CA ARG M 130 65.20 200.82 -80.46
CA VAL M 131 65.42 197.04 -80.83
CA ALA M 132 63.42 196.38 -77.65
CA LEU M 133 60.74 198.82 -78.82
CA GLN M 134 60.52 197.08 -82.19
CA GLU M 135 60.07 193.74 -80.39
CA ALA M 136 57.37 195.14 -78.09
CA ILE M 137 55.65 196.65 -81.12
CA ALA M 138 55.81 193.37 -83.07
CA SER M 139 54.27 191.43 -80.16
CA PHE M 140 51.68 194.19 -79.64
CA THR M 141 52.84 194.65 -76.06
CA ALA M 142 51.95 198.13 -74.77
CA ILE M 143 53.88 199.95 -77.50
CA ASN M 144 52.15 201.25 -80.62
CA SER M 145 55.02 203.08 -82.31
CA TYR M 146 58.26 204.96 -81.79
CA LYS M 147 60.26 207.61 -83.66
CA ASP M 148 63.74 209.05 -83.18
CA HIS M 149 64.03 212.47 -81.58
CA PRO M 150 64.73 214.87 -84.48
CA THR M 151 67.77 216.56 -82.91
CA ASP M 152 68.76 214.58 -79.79
CA GLY M 153 70.34 211.15 -80.19
CA SER M 154 69.73 210.23 -76.54
CA LYS M 155 65.91 210.47 -76.73
CA LEU M 156 63.12 208.48 -78.40
CA GLU M 157 59.48 209.38 -78.96
CA VAL M 158 57.03 206.62 -78.04
CA THR M 159 53.26 206.19 -78.39
CA TYR M 160 51.19 203.59 -76.53
CA LEU M 161 48.49 201.17 -77.65
CA ASP M 162 46.03 202.16 -74.90
CA ASN M 163 44.67 205.64 -74.20
CA GLN M 164 45.36 205.60 -70.46
CA LYS M 165 47.45 208.11 -68.54
CA HIS M 166 51.00 207.01 -67.74
CA VAL M 167 53.38 208.66 -65.28
CA LEU M 168 56.74 206.89 -65.27
CA SER M 169 59.29 207.37 -62.49
CA THR M 170 62.87 208.37 -63.29
CA TYR M 171 65.43 205.76 -62.26
CA SER M 172 69.00 204.59 -62.77
CA THR M 173 70.05 201.06 -63.64
CA TYR M 174 73.57 199.89 -64.44
CA GLY M 175 74.78 203.48 -64.80
CA ILE M 176 72.03 204.48 -67.23
CA THR M 177 69.50 207.06 -66.06
CA ILE M 178 66.09 206.66 -67.70
CA SER M 179 63.37 209.34 -67.59
CA GLN M 180 59.98 210.17 -69.12
CA GLU M 181 58.90 213.46 -70.70
CA ILE M 182 55.19 213.51 -71.57
CA ILE M 183 54.68 215.22 -74.93
CA SER M 184 50.96 214.75 -75.57
CA GLU M 185 48.20 213.75 -73.15
CA SER M 186 45.92 210.78 -73.73
CA LYS M 187 42.18 211.33 -74.19
CA PRO M 188 39.20 209.19 -73.09
CA GLY M 189 37.23 207.41 -75.81
CA TYR M 190 36.88 204.27 -77.93
CA GLY M 191 35.91 203.08 -81.39
CA THR M 192 35.79 204.85 -84.76
CA TRP M 193 33.36 207.74 -85.06
CA ASN M 194 32.27 209.67 -88.13
CA LEU M 195 31.01 213.26 -88.15
CA LEU M 196 27.61 213.13 -89.86
CA GLY M 197 27.25 216.88 -90.03
CA ALA M 198 25.76 219.70 -88.00
CA GLN M 199 22.22 220.50 -86.94
CA THR M 200 21.23 224.06 -86.11
CA VAL M 201 18.36 224.11 -83.64
CA THR M 202 16.65 226.98 -81.86
CA LEU M 203 15.47 225.53 -78.56
CA ASP M 204 11.81 226.14 -77.67
CA ASN M 205 11.60 229.60 -76.10
CA GLN M 206 14.98 230.92 -77.21
CA GLN M 207 16.24 233.61 -79.57
CA THR M 208 19.66 232.28 -80.55
CA PRO M 209 20.12 229.05 -82.54
CA THR M 210 22.35 226.27 -81.22
CA VAL M 211 24.66 224.33 -83.51
CA PHE M 212 25.00 220.63 -82.64
CA TYR M 213 27.47 218.16 -84.15
CA HIS M 214 26.50 214.52 -84.59
CA PHE M 215 28.98 211.62 -84.65
CA GLU M 216 28.05 208.06 -85.59
CA ARG M 217 30.02 205.04 -84.40
CA THR M 218 31.17 203.13 -87.48
CA ALA M 219 33.53 200.61 -85.85
CA SER N 12 32.58 192.72 -47.50
CA ARG N 13 34.66 190.88 -50.11
CA LEU N 14 38.31 190.77 -51.21
CA ALA N 15 37.82 193.71 -53.60
CA ASP N 16 37.18 196.16 -50.72
CA PHE N 17 40.66 195.39 -49.43
CA LEU N 18 42.70 195.24 -52.64
CA GLY N 19 44.60 198.42 -53.44
CA PHE N 20 43.92 200.42 -56.60
CA ARG N 21 46.25 203.11 -57.99
CA PRO N 22 44.14 206.19 -58.87
CA LYS N 23 44.92 208.34 -61.90
CA THR N 24 46.96 211.44 -61.17
CA GLY N 25 44.79 214.55 -61.40
CA ASP N 26 41.57 212.55 -61.69
CA ILE N 27 38.46 214.18 -60.21
CA ASP N 28 35.82 212.37 -62.26
CA VAL N 29 33.99 211.24 -59.12
CA MET N 30 31.48 213.97 -58.27
CA ASN N 31 33.87 216.62 -59.59
CA ARG N 32 36.11 216.14 -56.55
CA GLN N 33 38.03 212.86 -56.35
CA SER N 34 39.66 210.05 -58.31
CA VAL N 35 38.08 206.77 -59.34
CA GLY N 36 38.95 204.27 -56.61
CA SER N 37 39.12 206.76 -53.71
CA VAL N 38 38.47 205.07 -50.38
CA THR N 39 34.86 205.29 -49.19
CA ILE N 40 33.07 204.91 -45.85
CA SER N 41 32.32 201.28 -46.75
CA GLN N 42 36.01 200.45 -46.51
CA LEU N 43 36.75 202.76 -43.58
CA ALA N 44 34.09 200.93 -41.57
CA LYS N 45 36.06 197.69 -42.02
CA GLY N 46 39.41 199.27 -41.19
CA PHE N 47 40.78 199.82 -44.70
CA TYR N 48 41.94 203.33 -45.61
CA GLU N 49 43.43 203.03 -49.10
CA PRO N 50 42.01 203.55 -52.60
CA ASN N 51 40.64 200.18 -53.70
CA ILE N 52 39.22 197.97 -56.44
CA GLU N 53 35.72 197.76 -54.99
CA SER N 54 35.43 201.54 -54.93
CA ALA N 55 36.91 201.93 -58.44
CA ILE N 56 34.50 199.45 -60.01
CA ASN N 57 31.54 201.02 -58.20
CA ASP N 58 32.64 204.43 -59.49
CA VAL N 59 32.83 203.40 -63.15
CA HIS N 60 29.52 201.61 -62.63
CA ASN N 61 28.07 204.99 -61.63
CA PHE N 62 29.53 206.63 -64.77
CA SER N 63 28.05 204.12 -67.25
CA ILE N 64 24.39 203.78 -66.25
CA LYS N 65 22.15 206.57 -67.57
CA ASP N 66 18.95 207.54 -65.73
CA VAL N 67 15.57 206.17 -66.72
CA GLY N 68 14.07 208.65 -69.19
CA THR N 69 17.40 209.16 -70.96
CA ILE N 70 17.39 209.00 -74.78
CA ILE N 71 19.78 207.02 -76.98
CA THR N 72 19.77 207.72 -80.70
CA ASN N 73 21.04 205.51 -83.53
CA LYS N 74 20.49 204.99 -87.26
CA THR N 75 20.02 201.20 -87.09
CA GLY N 76 16.80 200.80 -85.16
CA VAL N 77 18.57 198.20 -83.01
CA SER N 78 17.68 198.31 -79.31
CA PRO N 79 20.37 199.47 -76.82
CA GLU N 80 19.27 196.59 -74.56
CA GLY N 81 21.84 193.92 -73.82
CA VAL N 82 21.56 190.39 -75.22
CA SER N 83 22.64 187.19 -73.43
CA GLN N 84 24.88 184.60 -75.11
CA THR N 85 23.35 181.21 -75.99
CA ASP N 86 25.32 177.97 -76.46
CA TYR N 87 24.97 174.26 -76.97
CA TRP N 88 26.55 172.14 -74.22
CA ALA N 89 27.73 168.90 -75.81
CA PHE N 90 28.61 165.58 -74.19
CA SER N 91 30.27 162.32 -75.30
CA GLY N 92 31.44 159.11 -73.66
CA THR N 93 30.34 156.93 -70.74
CA VAL N 94 30.42 157.92 -67.07
CA THR N 95 33.48 156.03 -65.84
CA ASP N 96 35.28 155.37 -62.54
CA ASP N 97 36.82 151.90 -62.55
CA SER N 98 37.49 152.05 -58.80
CA LEU N 99 33.74 151.73 -58.29
CA PRO N 100 31.25 148.98 -59.23
CA PRO N 101 28.83 149.55 -62.15
CA GLY N 102 25.96 151.87 -61.25
CA SER N 103 27.76 153.69 -58.43
CA PRO N 104 26.38 157.16 -57.65
CA ILE N 105 28.87 159.97 -58.23
CA THR N 106 28.91 163.74 -58.62
CA VAL N 107 30.25 165.08 -61.90
CA LEU N 108 31.00 168.78 -62.34
CA VAL N 109 29.69 170.21 -65.61
CA PHE N 110 31.07 173.74 -66.02
CA GLY N 111 30.83 173.96 -62.25
CA LEU N 112 27.30 172.56 -61.88
CA PRO N 113 27.15 169.44 -59.68
CA VAL N 114 25.46 166.61 -61.58
CA SER N 115 24.23 163.43 -59.88
CA ALA N 116 25.17 160.53 -62.10
CA THR N 117 25.99 156.82 -61.90
CA THR N 118 28.91 154.94 -63.42
CA GLY N 119 27.90 153.22 -66.64
CA MET N 120 25.61 155.99 -67.91
CA THR N 121 25.87 156.74 -71.63
CA ALA N 122 26.09 160.42 -72.61
CA ILE N 123 22.38 160.39 -73.46
CA GLU N 124 21.56 159.26 -69.91
CA PHE N 125 24.05 161.71 -68.41
CA VAL N 126 22.47 164.62 -70.28
CA ALA N 127 19.13 163.83 -68.64
CA LYS N 128 20.83 164.46 -65.30
CA VAL N 129 22.46 167.66 -66.58
CA ARG N 130 18.92 168.93 -67.26
CA VAL N 131 18.22 168.62 -63.53
CA ALA N 132 21.37 170.53 -62.60
CA LEU N 133 20.43 173.32 -65.03
CA GLN N 134 16.95 173.47 -63.49
CA GLU N 135 18.53 173.87 -60.05
CA ALA N 136 20.87 176.65 -61.22
CA ILE N 137 17.95 178.44 -62.90
CA ALA N 138 15.84 178.10 -59.75
CA SER N 139 18.56 179.66 -57.59
CA PHE N 140 19.21 182.37 -60.22
CA THR N 141 22.82 181.24 -60.51
CA ALA N 142 24.37 182.13 -63.89
CA ILE N 143 21.75 180.27 -65.95
CA ASN N 144 18.67 181.98 -67.41
CA SER N 145 17.11 179.09 -69.30
CA TYR N 146 17.78 175.92 -71.28
CA LYS N 147 16.12 173.81 -73.94
CA ASP N 148 16.67 170.35 -75.38
CA HIS N 149 18.42 170.03 -78.72
CA PRO N 150 15.82 169.14 -81.38
CA THR N 151 17.81 166.38 -83.09
CA ASP N 152 20.63 165.41 -80.70
CA GLY N 153 20.08 163.76 -77.33
CA SER N 154 23.67 164.48 -76.30
CA LYS N 155 23.36 168.28 -76.48
CA LEU N 156 21.49 171.02 -74.60
CA GLU N 157 20.88 174.69 -75.45
CA VAL N 158 21.69 177.12 -72.64
CA THR N 159 21.22 180.89 -72.22
CA TYR N 160 22.89 182.91 -69.43
CA LEU N 161 21.58 185.62 -67.09
CA ASP N 162 24.36 188.08 -67.86
CA ASN N 163 25.28 189.47 -71.27
CA GLN N 164 29.02 188.83 -70.97
CA LYS N 165 30.94 186.68 -73.47
CA HIS N 166 31.88 183.18 -72.32
CA VAL N 167 34.39 180.86 -73.99
CA LEU N 168 34.51 177.59 -72.06
CA SER N 169 37.35 175.11 -72.28
CA THR N 170 36.52 171.59 -73.40
CA TYR N 171 37.49 168.94 -70.85
CA SER N 172 36.95 165.36 -69.76
CA THR N 173 35.83 164.16 -66.35
CA TYR N 174 34.84 160.67 -65.26
CA GLY N 175 34.89 159.54 -68.88
CA ILE N 176 32.62 162.29 -70.18
CA THR N 177 33.94 164.89 -72.63
CA ILE N 178 32.20 168.25 -72.16
CA SER N 179 32.35 171.07 -74.72
CA GLN N 180 30.74 174.38 -75.65
CA GLU N 181 29.38 175.46 -79.04
CA ILE N 182 28.46 179.14 -79.22
CA ILE N 183 25.18 179.65 -81.10
CA SER N 184 24.53 183.37 -80.68
CA GLU N 185 26.84 186.05 -79.34
CA SER N 186 25.97 188.28 -76.41
CA LYS N 187 25.56 192.04 -76.98
CA PRO N 188 26.51 194.94 -74.70
CA GLY N 189 23.72 196.94 -73.12
CA TYR N 190 21.57 197.26 -70.03
CA GLY N 191 18.06 198.13 -68.84
CA THR N 192 14.81 198.30 -70.77
CA TRP N 193 14.47 200.66 -73.73
CA ASN N 194 11.44 201.70 -75.79
CA LEU N 195 11.62 202.83 -79.41
CA LEU N 196 9.90 206.24 -79.32
CA GLY N 197 9.94 206.47 -83.08
CA ALA N 198 11.88 208.03 -85.94
CA GLN N 199 12.87 211.59 -86.77
CA THR N 200 13.84 212.56 -90.28
CA VAL N 201 16.31 215.41 -90.34
CA THR N 202 18.23 217.05 -93.15
CA LEU N 203 21.52 218.09 -91.59
CA ASP N 204 22.82 221.63 -92.17
CA ASN N 205 23.90 222.75 -95.63
CA GLN N 206 22.97 219.24 -96.85
CA GLN N 207 20.16 218.10 -99.13
CA THR N 208 19.97 214.41 -98.22
CA PRO N 209 17.70 213.58 -95.24
CA THR N 210 18.81 211.25 -92.44
CA VAL N 211 16.52 209.07 -90.37
CA PHE N 212 17.30 208.82 -86.66
CA TYR N 213 15.71 206.37 -84.23
CA HIS N 214 15.18 207.45 -80.65
CA PHE N 215 15.10 205.04 -77.73
CA GLU N 216 14.07 205.92 -74.19
CA ARG N 217 15.09 203.97 -71.11
CA THR N 218 11.89 202.83 -69.39
CA ALA N 219 13.45 200.70 -66.65
CA SER O 12 52.19 200.98 -56.53
CA ARG O 13 49.01 199.17 -55.47
CA LEU O 14 47.89 195.54 -55.76
CA ALA O 15 45.62 196.11 -58.79
CA ASP O 16 48.72 196.64 -60.99
CA PHE O 17 49.83 193.09 -60.07
CA LEU O 18 46.57 191.13 -60.16
CA GLY O 19 45.72 189.31 -63.35
CA PHE O 20 42.63 190.01 -65.42
CA ARG O 21 41.36 187.62 -68.10
CA PRO O 22 40.61 189.64 -71.24
CA LYS O 23 37.43 189.19 -73.25
CA THR O 24 38.01 186.93 -76.27
CA GLY O 25 38.27 188.92 -79.51
CA ASP O 26 37.97 192.20 -77.63
CA ILE O 27 39.51 195.22 -79.37
CA ASP O 28 37.49 197.96 -77.63
CA VAL O 29 40.70 199.70 -76.53
CA MET O 30 41.66 202.05 -79.39
CA ASN O 31 40.32 199.52 -81.92
CA ARG O 32 43.48 197.53 -81.15
CA GLN O 33 43.36 195.49 -77.96
CA SER O 34 41.22 194.07 -75.17
CA VAL O 35 40.18 195.82 -71.98
CA GLY O 36 42.85 195.05 -69.40
CA SER O 37 45.80 194.57 -71.77
CA VAL O 38 49.18 195.27 -70.16
CA THR O 39 50.37 198.87 -70.33
CA ILE O 40 53.73 200.59 -69.89
CA SER O 41 52.78 201.44 -66.27
CA GLN O 42 52.75 197.74 -65.32
CA LEU O 43 55.78 196.84 -67.43
CA ALA O 44 57.72 199.55 -65.59
CA LYS O 45 56.86 197.79 -62.33
CA GLY O 46 57.70 194.28 -63.51
CA PHE O 47 54.25 192.91 -64.36
CA TYR O 48 53.75 191.63 -67.90
CA GLU O 49 50.20 190.23 -67.98
CA PRO O 50 46.68 191.64 -68.54
CA ASN O 51 45.59 193.13 -65.22
CA ILE O 52 42.88 194.70 -63.04
CA GLU O 53 44.40 198.18 -62.83
CA SER O 54 44.50 198.46 -66.64
CA ALA O 55 41.02 196.94 -67.02
CA ILE O 56 39.41 199.50 -64.73
CA ASN O 57 41.37 202.33 -66.34
CA ASP O 58 40.12 201.26 -69.79
CA VAL O 59 36.45 201.11 -68.77
CA HIS O 60 36.91 204.46 -66.99
CA ASN O 61 38.11 205.75 -70.39
CA PHE O 62 34.97 204.42 -72.09
CA SER O 63 32.40 205.85 -69.68
CA ILE O 64 33.38 209.53 -69.31
CA LYS O 65 32.15 211.67 -72.22
CA ASP O 66 34.08 214.82 -73.23
CA VAL O 67 33.16 218.29 -71.99
CA GLY O 68 30.72 219.69 -74.55
CA THR O 69 28.81 216.42 -74.97
CA ILE O 70 25.01 216.51 -74.99
CA ILE O 71 22.76 214.20 -72.97
CA THR O 72 19.07 214.13 -73.83
CA ASN O 73 16.17 212.90 -71.69
CA LYS O 74 12.43 213.40 -71.36
CA THR O 75 12.31 213.97 -67.60
CA GLY O 76 14.32 217.17 -67.21
CA VAL O 77 16.27 215.50 -64.40
CA SER O 78 19.97 216.40 -64.28
CA PRO O 79 22.46 213.67 -65.33
CA GLU O 80 24.71 214.75 -62.46
CA GLY O 81 25.41 212.17 -59.79
CA VAL O 82 24.06 212.46 -56.25
CA SER O 83 25.88 211.44 -53.07
CA GLN O 84 24.19 209.36 -50.37
CA THR O 85 23.21 210.96 -47.04
CA ASP O 86 22.82 209.08 -43.75
CA TYR O 87 22.11 209.50 -40.05
CA TRP O 88 24.80 208.17 -37.72
CA ALA O 89 23.07 207.03 -34.51
CA PHE O 90 24.83 206.46 -31.18
CA SER O 91 23.60 204.93 -27.91
CA GLY O 92 24.99 203.79 -24.58
CA THR O 93 27.74 205.10 -22.35
CA VAL O 94 31.50 205.14 -22.99
CA THR O 95 32.75 202.25 -20.86
CA ASP O 96 36.01 200.43 -20.12
CA ASP O 97 36.05 198.63 -16.76
CA SER O 98 39.72 197.82 -17.34
CA LEU O 99 40.55 201.49 -16.79
CA PRO O 100 39.65 204.21 -14.24
CA PRO O 101 36.80 206.68 -14.88
CA GLY O 102 37.58 209.52 -17.28
CA SER O 103 40.42 207.56 -18.86
CA PRO O 104 41.05 208.87 -22.41
CA ILE O 105 40.51 206.24 -25.11
CA THR O 106 40.33 205.94 -28.90
CA VAL O 107 36.97 204.92 -30.36
CA LEU O 108 36.55 204.01 -34.03
CA VAL O 109 33.31 205.24 -35.61
CA PHE O 110 32.94 203.65 -39.06
CA GLY O 111 36.72 203.71 -39.19
CA LEU O 112 36.99 207.28 -37.90
CA PRO O 113 39.23 207.69 -34.81
CA VAL O 114 37.45 209.74 -32.13
CA SER O 115 39.12 210.87 -28.90
CA ALA O 116 36.87 209.65 -26.08
CA THR O 117 36.91 209.22 -22.28
CA THR O 118 35.26 206.50 -20.19
CA GLY O 119 32.04 207.62 -18.53
CA MET O 120 30.73 209.80 -21.37
CA THR O 121 27.10 209.48 -22.41
CA ALA O 122 25.97 209.02 -26.01
CA ILE O 123 25.40 212.77 -26.43
CA GLU O 124 28.83 213.65 -25.02
CA PHE O 125 30.41 211.08 -27.32
CA VAL O 126 28.77 212.59 -30.42
CA ALA O 127 30.53 215.87 -29.65
CA LYS O 128 33.76 213.94 -30.12
CA VAL O 129 32.38 212.44 -33.33
CA ARG O 130 31.84 215.92 -34.76
CA VAL O 131 35.59 216.51 -34.49
CA ALA O 132 36.24 213.16 -36.17
CA LEU O 133 34.03 214.01 -39.15
CA GLN O 134 35.75 217.41 -39.28
CA GLU O 135 39.25 216.00 -39.70
CA ALA O 136 37.97 213.46 -42.23
CA ILE O 137 36.26 216.20 -44.24
CA ALA O 138 39.29 218.49 -44.06
CA SER O 139 41.40 215.54 -45.25
CA PHE O 140 39.08 214.84 -48.21
CA THR O 141 38.65 211.33 -46.87
CA ALA O 142 35.27 209.75 -47.71
CA ILE O 143 33.21 212.44 -45.96
CA ASN O 144 31.91 215.41 -47.94
CA SER O 145 29.92 217.24 -45.26
CA TYR O 146 27.92 216.84 -42.05
CA LYS O 147 25.29 218.53 -39.91
CA ASP O 148 23.50 217.93 -36.60
CA HIS O 149 20.31 215.86 -36.55
CA PRO O 150 17.24 218.13 -36.73
CA THR O 151 15.97 216.86 -33.37
CA ASP O 152 17.83 213.92 -31.81
CA GLY O 153 21.16 214.97 -30.32
CA SER O 154 22.47 211.41 -30.41
CA LYS O 155 22.40 211.50 -34.22
CA LEU O 156 24.32 213.24 -37.01
CA GLU O 157 23.52 213.77 -40.70
CA VAL O 158 26.34 212.83 -43.06
CA THR O 159 26.99 213.10 -46.82
CA TYR O 160 29.79 211.28 -48.69
CA LEU O 161 32.20 212.54 -51.39
CA ASP O 162 31.45 209.68 -53.82
CA ASN O 163 28.01 208.77 -55.18
CA GLN O 164 28.15 205.03 -54.41
CA LYS O 165 25.63 203.22 -52.20
CA HIS O 166 26.76 202.42 -48.66
CA VAL O 167 25.16 199.96 -46.24
CA LEU O 168 26.84 199.90 -42.83
CA SER O 169 26.27 197.18 -40.25
CA THR O 170 25.24 198.17 -36.73
CA TYR O 171 27.91 197.46 -34.12
CA SER O 172 28.93 198.20 -30.53
CA THR O 173 32.35 199.24 -29.22
CA TYR O 174 33.37 200.51 -25.78
CA GLY O 175 29.79 200.33 -24.60
CA ILE O 176 28.54 202.54 -27.43
CA THR O 177 26.30 201.12 -30.14
CA ILE O 178 26.73 202.72 -33.57
CA SER O 179 24.12 202.50 -36.32
CA GLN O 180 23.36 203.82 -39.81
CA GLU O 181 20.10 205.20 -41.20
CA ILE O 182 20.02 205.91 -44.95
CA ILE O 183 18.23 209.24 -45.50
CA SER O 184 18.68 210.07 -49.18
CA GLU O 185 19.79 207.55 -51.82
CA SER O 186 22.74 208.29 -54.10
CA LYS O 187 22.29 208.48 -57.89
CA PRO O 188 24.53 207.42 -60.81
CA GLY O 189 26.24 210.26 -62.67
CA TYR O 190 29.33 212.43 -62.99
CA GLY O 191 30.52 215.93 -63.92
CA THR O 192 28.68 219.25 -64.14
CA TRP O 193 25.84 219.46 -66.66
CA ASN O 194 23.91 222.50 -67.86
CA LEU O 195 20.32 222.31 -69.05
CA LEU O 196 20.40 224.04 -72.44
CA GLY O 197 16.63 224.07 -72.69
CA ALA O 198 13.79 222.10 -74.23
CA GLN O 199 13.06 221.02 -77.78
CA THR O 200 9.52 220.06 -78.75
CA VAL O 201 9.50 217.68 -81.69
CA THR O 202 6.76 215.73 -83.42
CA LEU O 203 8.33 212.41 -84.37
CA ASP O 204 7.74 211.01 -87.85
CA ASN O 205 4.10 210.17 -88.55
CA GLN O 206 2.97 211.01 -85.00
CA GLN O 207 0.01 213.20 -84.06
CA THR O 208 1.44 214.07 -80.65
CA PRO O 209 4.56 216.17 -79.89
CA THR O 210 7.28 215.06 -77.46
CA VAL O 211 9.42 217.35 -75.32
CA PHE O 212 13.15 216.64 -75.07
CA TYR O 213 15.53 218.18 -72.55
CA HIS O 214 19.15 218.73 -73.57
CA PHE O 215 22.00 218.92 -71.07
CA GLU O 216 25.57 219.90 -71.94
CA ARG O 217 28.56 218.78 -69.92
CA THR O 218 30.34 221.96 -68.84
CA ALA O 219 32.87 220.37 -66.47
CA SER P 12 23.59 149.51 129.07
CA ARG P 13 25.54 148.12 132.04
CA LEU P 14 23.50 146.30 134.68
CA ALA P 15 20.36 148.22 135.76
CA ASP P 16 18.60 147.22 132.52
CA PHE P 17 19.21 143.59 133.51
CA LEU P 18 18.41 143.66 137.25
CA GLY P 19 14.93 142.60 138.32
CA PHE P 20 12.62 144.91 140.24
CA ARG P 21 9.51 143.77 142.15
CA PRO P 22 6.56 145.98 141.16
CA LYS P 23 4.01 147.20 143.69
CA THR P 24 0.82 145.12 143.65
CA GLY P 25 -2.07 147.08 142.16
CA ASP P 26 0.26 149.86 140.99
CA ILE P 27 -0.83 151.70 137.84
CA ASP P 28 0.99 154.99 138.48
CA VAL P 29 2.75 154.82 135.10
CA MET P 30 0.38 156.47 132.62
CA ASN P 31 -2.65 155.09 134.52
CA ARG P 32 -1.81 151.70 132.96
CA GLN P 33 1.07 149.90 134.66
CA SER P 34 3.36 149.60 137.66
CA VAL P 35 6.60 151.48 138.23
CA GLY P 36 9.36 149.29 136.86
CA SER P 37 7.36 147.51 134.15
CA VAL P 38 9.54 146.30 131.28
CA THR P 39 9.96 148.78 128.44
CA ILE P 40 11.05 148.57 124.82
CA SER P 41 14.57 149.61 125.91
CA GLN P 42 15.04 146.39 127.91
CA LEU P 43 13.27 144.21 125.34
CA ALA P 44 15.72 145.45 122.69
CA LYS P 45 18.54 144.27 124.95
CA GLY P 46 17.03 140.85 125.61
CA PHE P 47 15.53 141.42 129.08
CA TYR P 48 11.80 140.79 129.54
CA GLU P 49 11.06 141.40 133.23
CA PRO P 50 10.25 144.46 135.38
CA ASN P 51 13.60 146.05 136.21
CA ILE P 52 15.57 148.68 138.09
CA GLU P 53 16.50 150.82 135.07
CA SER P 54 12.82 151.21 134.22
CA ALA P 55 11.75 151.76 137.84
CA ILE P 56 14.19 154.64 138.33
CA ASN P 57 13.21 156.20 134.99
CA ASP P 58 9.52 156.04 136.01
CA VAL P 59 10.03 157.82 139.36
CA HIS P 60 12.26 160.35 137.60
CA ASN P 61 9.23 161.04 135.35
CA PHE P 62 7.03 161.58 138.44
CA SER P 63 9.39 164.02 140.15
CA ILE P 64 10.20 166.64 137.49
CA LYS P 65 7.49 169.29 137.04
CA ASP P 66 7.13 170.90 133.61
CA VAL P 67 8.70 174.26 132.82
CA GLY P 68 5.99 176.85 133.54
CA THR P 69 4.90 175.09 136.73
CA ILE P 70 4.44 177.15 139.88
CA ILE P 71 5.85 176.24 143.30
CA THR P 72 4.58 178.15 146.32
CA ASN P 73 6.22 178.56 149.75
CA LYS P 74 6.25 180.94 152.72
CA THR P 75 10.03 181.23 153.07
CA GLY P 76 10.96 182.88 149.80
CA VAL P 77 13.71 180.30 149.34
CA SER P 78 14.28 179.09 145.78
CA PRO P 79 13.33 175.46 144.88
CA GLU P 80 16.67 175.21 143.04
CA GLY P 81 19.22 172.68 144.25
CA VAL P 82 22.66 173.51 145.67
CA SER P 83 25.88 171.49 145.36
CA GLN P 84 28.03 170.62 148.38
CA THR P 85 31.38 172.42 148.77
CA ASP P 86 34.45 170.95 150.46
CA TYR P 87 38.04 171.60 151.36
CA TRP P 88 40.33 168.69 150.46
CA ALA P 89 43.32 168.68 152.83
CA PHE P 90 46.69 167.02 152.30
CA SER P 91 49.77 166.34 154.44
CA GLY P 92 52.95 164.28 154.38
CA THR P 93 55.51 163.39 151.71
CA VAL P 94 54.93 161.17 148.68
CA THR P 95 56.59 157.89 149.59
CA ASP P 96 57.36 154.60 147.83
CA ASP P 97 60.08 152.65 149.62
CA SER P 98 60.08 150.30 146.63
CA LEU P 99 61.30 153.08 144.32
CA PRO P 100 64.27 155.51 144.23
CA PRO P 101 63.92 159.24 145.09
CA GLY P 102 62.18 161.17 142.31
CA SER P 103 60.45 158.17 140.75
CA PRO P 104 57.19 159.00 138.94
CA ILE P 105 54.05 157.37 140.37
CA THR P 106 50.26 157.67 140.10
CA VAL P 107 48.31 158.48 143.27
CA LEU P 108 44.53 158.30 143.57
CA VAL P 109 42.90 161.28 145.28
CA PHE P 110 39.28 160.31 145.91
CA GLY P 111 39.55 158.36 142.68
CA LEU P 112 41.24 161.11 140.64
CA PRO P 113 44.59 159.98 139.16
CA VAL P 114 47.39 162.32 140.25
CA SER P 115 50.81 162.27 138.56
CA ALA P 116 53.30 162.48 141.45
CA THR P 117 57.00 161.77 142.09
CA THR P 118 58.49 160.23 145.23
CA GLY P 119 60.00 163.00 147.33
CA MET P 120 57.29 165.62 146.74
CA THR P 121 56.06 167.58 149.75
CA ALA P 122 52.32 167.89 150.42
CA ILE P 123 52.39 171.40 148.92
CA GLU P 124 54.04 170.09 145.76
CA PHE P 125 51.49 167.27 145.57
CA VAL P 126 48.58 169.70 145.85
CA ALA P 127 49.90 171.32 142.67
CA LYS P 128 49.50 167.96 140.93
CA VAL P 129 46.02 167.59 142.40
CA ARG P 130 45.08 170.89 140.76
CA VAL P 131 45.84 169.28 137.42
CA ALA P 132 43.65 166.24 138.13
CA LEU P 133 40.80 168.52 139.17
CA GLN P 134 41.14 170.53 135.95
CA GLU P 135 40.96 167.29 133.95
CA ALA P 136 37.90 166.07 135.85
CA ILE P 137 36.28 169.47 135.32
CA ALA P 138 37.07 169.47 131.59
CA SER P 139 35.53 165.99 131.15
CA PHE P 140 32.56 166.98 133.32
CA THR P 141 33.29 164.14 135.71
CA ALA P 142 31.82 164.82 139.16
CA ILE P 143 33.75 168.07 139.65
CA ASN P 144 32.16 171.44 138.91
CA SER P 145 34.91 173.78 140.08
CA TYR P 146 37.81 174.25 142.47
CA LYS P 147 39.60 177.18 144.12
CA ASP P 148 42.80 177.46 146.15
CA HIS P 149 42.47 177.84 149.90
CA PRO P 150 43.12 181.54 150.59
CA THR P 151 45.74 181.01 153.31
CA ASP P 152 46.68 177.30 153.38
CA GLY P 153 48.74 175.87 150.52
CA SER P 154 47.91 172.28 151.47
CA LYS P 155 44.12 172.62 150.95
CA LEU P 156 41.81 173.07 147.96
CA GLU P 157 38.15 174.07 147.84
CA VAL P 158 36.01 171.89 145.56
CA THR P 159 32.39 172.03 144.41
CA TYR P 160 30.52 169.14 142.80
CA LEU P 161 28.28 168.90 139.73
CA ASP P 162 25.46 167.08 141.55
CA ASN P 163 23.58 168.27 144.63
CA GLN P 164 23.91 165.02 146.59
CA LYS P 165 25.44 164.63 150.02
CA HIS P 166 29.02 163.33 150.07
CA VAL P 167 30.90 162.02 153.10
CA LEU P 168 34.46 161.07 152.16
CA SER P 169 36.64 158.89 154.39
CA THR P 170 40.11 160.04 155.42
CA TYR P 171 42.89 157.78 154.14
CA SER P 172 46.62 157.57 153.48
CA THR P 173 48.21 156.49 150.22
CA TYR P 174 51.92 156.54 149.42
CA GLY P 175 52.66 158.67 152.47
CA ILE P 176 50.05 161.30 151.65
CA THR P 177 47.10 161.65 154.01
CA ILE P 178 43.95 162.90 152.28
CA SER P 179 40.89 164.21 154.17
CA GLN P 180 37.59 166.01 153.55
CA GLU P 181 36.23 169.07 155.36
CA ILE P 182 32.65 169.89 154.35
CA ILE P 183 32.24 173.66 154.04
CA SER P 184 28.70 174.02 152.70
CA GLU P 185 25.87 171.47 152.61
CA SER P 186 24.08 170.49 149.42
CA LYS P 187 20.36 171.21 149.05
CA PRO P 188 17.61 169.22 147.30
CA GLY P 189 16.16 170.67 144.10
CA TYR P 190 16.45 170.89 140.32
CA GLY P 191 15.98 173.28 137.39
CA THR P 192 15.95 177.06 137.19
CA TRP P 193 13.19 178.83 139.10
CA ASN P 194 12.15 182.47 139.01
CA LEU P 195 10.43 184.35 141.83
CA LEU P 196 7.26 185.80 140.31
CA GLY P 197 6.42 187.87 143.35
CA ALA P 198 4.37 187.59 146.52
CA GLN P 199 0.67 187.13 147.15
CA THR P 200 -0.87 188.26 150.41
CA VAL P 201 -3.94 186.20 151.23
CA THR P 202 -6.18 186.17 154.28
CA LEU P 203 -7.46 182.61 154.52
CA ASP P 204 -11.24 182.20 154.87
CA ASN P 205 -12.06 182.63 158.56
CA GLN P 206 -8.80 184.21 159.69
CA GLN P 207 -7.69 187.59 160.99
CA THR P 208 -4.05 187.70 159.93
CA PRO P 209 -2.97 187.76 156.26
CA THR P 210 -0.53 185.18 154.94
CA VAL P 211 2.24 186.11 152.52
CA PHE P 212 2.98 183.47 149.87
CA TYR P 213 5.89 183.47 147.42
CA HIS P 214 5.47 182.00 143.94
CA PHE P 215 8.31 180.53 141.87
CA GLU P 216 7.97 179.53 138.22
CA ARG P 217 10.20 176.94 136.58
CA THR P 218 11.89 178.59 133.60
CA ALA P 219 14.39 175.87 132.67
CA SER Q 12 10.82 138.90 145.08
CA ARG Q 13 13.37 140.18 142.55
CA LEU Q 14 17.09 141.01 142.51
CA ALA Q 15 16.45 144.58 143.73
CA ASP Q 16 15.21 143.35 147.14
CA PHE Q 17 18.62 141.81 147.71
CA LEU Q 18 20.96 144.46 146.31
CA GLY Q 19 22.49 146.74 148.92
CA PHE Q 20 21.85 150.49 148.91
CA ARG Q 21 23.92 153.02 150.89
CA PRO Q 22 21.51 155.39 152.71
CA LYS Q 23 22.28 159.08 153.13
CA THR Q 24 23.81 160.00 156.48
CA GLY Q 25 21.27 161.83 158.64
CA ASP Q 26 18.39 161.09 156.26
CA ILE Q 27 14.96 160.70 157.88
CA ASP Q 28 12.80 161.58 154.88
CA VAL Q 29 10.85 158.33 155.19
CA MET Q 30 7.92 159.03 157.53
CA ASN Q 31 10.05 161.49 159.50
CA ARG Q 32 12.03 158.60 160.99
CA GLN Q 33 14.35 156.73 158.63
CA SER Q 34 16.52 156.95 155.52
CA VAL Q 35 15.50 156.18 151.96
CA GLY Q 36 16.44 152.54 151.36
CA SER Q 37 15.99 151.33 154.97
CA VAL Q 38 15.25 147.60 155.09
CA THR Q 39 11.54 146.74 155.29
CA ILE Q 40 9.52 143.71 156.34
CA SER Q 41 9.34 142.63 152.69
CA GLN Q 42 13.07 141.95 152.70
CA LEU Q 43 13.21 140.60 156.26
CA ALA Q 44 10.64 137.97 155.28
CA LYS Q 45 13.06 136.68 152.64
CA GLY Q 46 16.07 136.72 154.93
CA PHE Q 47 17.69 140.00 153.87
CA TYR Q 48 18.45 142.58 156.58
CA GLU Q 49 20.29 145.39 154.81
CA PRO Q 50 19.16 148.69 153.27
CA ASN Q 51 18.37 147.93 149.62
CA ILE Q 52 17.53 149.17 146.14
CA GLU Q 53 13.96 147.86 146.11
CA SER Q 54 13.17 149.76 149.31
CA ALA Q 55 14.91 152.95 148.12
CA ILE Q 56 13.02 153.06 144.82
CA ASN Q 57 9.72 152.35 146.58
CA ASP Q 58 10.47 155.19 149.01
CA VAL Q 59 11.14 157.80 146.33
CA HIS Q 60 8.07 156.49 144.52
CA ASN Q 61 6.09 157.38 147.66
CA PHE Q 62 7.61 160.90 147.71
CA SER Q 63 6.72 161.75 144.10
CA ILE Q 64 3.06 160.79 143.71
CA LYS Q 65 0.61 163.38 145.04
CA ASP Q 66 -2.85 162.34 146.27
CA VAL Q 67 -5.91 162.53 144.04
CA GLY Q 68 -7.48 165.94 144.66
CA THR Q 69 -4.10 167.68 144.75
CA ILE Q 70 -3.72 170.87 142.70
CA ILE Q 71 -0.89 171.73 140.29
CA THR Q 72 -0.63 175.27 139.02
CA ASN Q 73 1.19 176.56 135.94
CA LYS Q 74 1.08 179.51 133.54
CA THR Q 75 1.11 177.44 130.33
CA GLY Q 76 -2.19 175.62 130.42
CA VAL Q 77 -0.31 172.40 129.59
CA SER Q 78 -1.56 169.30 131.40
CA PRO Q 79 0.69 167.72 134.07
CA GLU Q 80 -0.22 164.32 132.58
CA GLY Q 81 2.61 162.28 131.11
CA VAL Q 82 2.94 161.67 127.37
CA SER Q 83 4.26 158.49 125.74
CA GLN Q 84 6.98 158.58 123.05
CA THR Q 85 6.01 157.63 119.47
CA ASP Q 86 8.43 156.34 116.81
CA TYR Q 87 8.64 154.88 113.36
CA TRP Q 88 10.22 151.41 113.20
CA ALA Q 89 11.97 151.11 109.84
CA PHE Q 90 13.13 148.01 107.98
CA SER Q 91 15.30 147.27 104.94
CA GLY Q 92 16.73 144.20 103.22
CA THR Q 93 15.65 140.60 102.66
CA VAL Q 94 15.25 137.95 105.36
CA THR Q 95 18.41 135.88 104.87
CA ASP Q 96 19.95 132.68 106.27
CA ASP Q 97 21.94 130.89 103.57
CA SER Q 98 22.22 127.74 105.69
CA LEU Q 99 18.51 127.19 105.05
CA PRO Q 100 16.52 126.63 101.84
CA PRO Q 101 14.33 129.46 100.47
CA GLY Q 102 11.11 129.92 102.41
CA SER Q 103 12.36 128.40 105.66
CA PRO Q 104 10.46 129.52 108.78
CA ILE Q 105 12.59 131.42 111.27
CA THR Q 106 12.17 133.68 114.29
CA VAL Q 107 13.62 137.17 114.00
CA LEU Q 108 13.90 139.43 117.05
CA VAL Q 109 12.74 142.99 116.41
CA PHE Q 110 13.67 145.13 119.43
CA GLY Q 111 13.03 142.00 121.46
CA LEU Q 112 9.71 141.02 119.88
CA PRO Q 113 9.76 137.53 118.31
CA VAL Q 114 8.66 137.74 114.68
CA SER Q 115 7.71 134.67 112.63
CA ALA Q 116 9.24 135.08 109.20
CA THR Q 117 10.53 133.01 106.29
CA THR Q 118 13.81 133.31 104.42
CA GLY Q 119 13.35 135.20 101.17
CA MET Q 120 10.85 137.75 102.50
CA THR Q 121 11.36 141.33 101.32
CA ALA Q 122 11.18 144.05 103.99
CA ILE Q 123 7.61 144.82 102.92
CA GLU Q 124 6.60 141.20 103.61
CA PHE Q 125 8.59 141.13 106.86
CA VAL Q 126 6.82 144.25 108.11
CA ALA Q 127 3.48 142.48 107.73
CA LYS Q 128 4.74 139.91 110.22
CA VAL Q 129 6.05 142.62 112.56
CA ARG Q 130 2.45 143.91 112.71
CA VAL Q 131 1.44 140.55 114.20
CA ALA Q 132 4.21 140.68 116.83
CA LEU Q 133 3.13 144.21 117.81
CA GLN Q 134 -0.47 143.02 118.13
CA GLU Q 135 0.71 140.25 120.47
CA ALA Q 136 2.76 142.63 122.63
CA ILE Q 137 -0.21 145.03 122.82
CA ALA Q 138 -2.54 142.19 123.77
CA SER Q 139 -0.27 141.10 126.62
CA PHE Q 140 0.26 144.73 127.71
CA THR Q 141 3.99 144.34 127.20
CA ALA Q 142 5.73 147.67 126.51
CA ILE Q 143 3.59 148.54 123.47
CA ASN Q 144 0.47 150.71 123.68
CA SER Q 145 -0.50 150.89 120.02
CA TYR Q 146 0.77 150.95 116.44
CA LYS Q 147 -0.32 152.19 113.04
CA ASP Q 148 0.82 151.64 109.47
CA HIS Q 149 2.91 154.32 107.80
CA PRO Q 150 0.72 156.19 105.28
CA THR Q 151 3.22 156.23 102.42
CA ASP Q 152 5.90 153.63 103.25
CA GLY Q 153 5.25 149.90 103.46
CA SER Q 154 8.61 149.33 105.17
CA LYS Q 155 7.80 151.44 108.26
CA LEU Q 156 5.41 151.25 111.22
CA GLU Q 157 4.39 153.86 113.82
CA VAL Q 158 4.60 152.68 117.43
CA THR Q 159 3.59 154.26 120.76
CA TYR Q 160 4.70 152.86 124.14
CA LEU Q 161 2.82 152.25 127.40
CA ASP Q 162 5.30 154.14 129.57
CA ASN Q 163 6.35 157.77 129.18
CA GLN Q 164 10.09 157.12 129.40
CA LYS Q 165 12.52 158.14 126.65
CA HIS Q 166 13.80 155.36 124.40
CA VAL Q 167 16.75 155.57 122.00
CA LEU Q 168 17.12 152.24 120.23
CA SER Q 169 20.28 151.12 118.47
CA THR Q 170 20.04 150.29 114.78
CA TYR Q 171 21.11 146.74 113.98
CA SER Q 172 20.95 143.97 111.39
CA THR Q 173 19.68 140.45 111.91
CA TYR Q 174 19.07 137.74 109.32
CA GLY Q 175 19.62 140.26 106.56
CA ILE Q 176 17.13 142.83 107.86
CA THR Q 177 18.33 146.24 109.06
CA ILE Q 178 16.11 147.57 111.86
CA SER Q 179 16.12 151.21 112.99
CA GLN Q 180 14.18 153.73 115.08
CA GLU Q 181 13.02 157.22 114.06
CA ILE Q 182 11.64 159.28 116.95
CA ILE Q 183 8.52 161.19 115.90
CA SER Q 184 7.33 162.74 119.15
CA GLU Q 185 9.12 162.92 122.49
CA SER Q 186 7.68 161.56 125.70
CA LYS Q 187 6.83 163.98 128.53
CA PRO Q 188 7.16 163.48 132.30
CA GLY Q 189 3.99 163.19 134.33
CA TYR Q 190 1.52 160.73 135.81
CA GLY Q 191 -2.17 160.20 136.56
CA THR Q 192 -5.21 162.00 135.20
CA TRP Q 193 -5.58 165.75 135.67
CA ASN Q 194 -8.51 168.09 135.02
CA LEU Q 195 -8.13 171.79 134.19
CA LEU Q 196 -10.29 173.48 136.85
CA GLY Q 197 -9.93 176.82 135.15
CA ALA Q 198 -7.95 180.04 135.36
CA GLN Q 199 -7.37 182.57 138.12
CA THR Q 200 -6.20 186.07 137.34
CA VAL Q 201 -4.15 187.54 140.15
CA THR Q 202 -2.21 190.77 140.44
CA LEU Q 203 0.75 189.91 142.65
CA ASP Q 204 1.62 192.21 145.58
CA ASN Q 205 2.86 195.73 144.96
CA GLN Q 206 2.53 194.99 141.22
CA GLN Q 207 0.13 196.42 138.64
CA THR Q 208 0.36 193.74 135.93
CA PRO Q 209 -2.06 190.81 136.36
CA THR Q 210 -0.92 187.20 135.97
CA VAL Q 211 -3.09 184.32 134.77
CA PHE Q 212 -2.63 181.00 136.56
CA TYR Q 213 -4.11 177.68 135.44
CA HIS Q 214 -5.12 175.16 138.08
CA PHE Q 215 -5.16 171.42 137.48
CA GLU Q 216 -6.64 168.85 139.83
CA ARG Q 217 -5.66 165.18 139.89
CA THR Q 218 -8.83 163.17 139.26
CA ALA Q 219 -7.27 159.71 139.08
CA SER R 12 29.92 150.60 150.79
CA ARG R 13 26.93 148.81 149.26
CA LEU R 14 26.33 147.22 145.85
CA ALA R 15 24.32 150.15 144.44
CA ASP R 16 27.52 152.25 144.29
CA PHE R 17 29.00 149.64 141.93
CA LEU R 18 26.05 148.75 139.68
CA GLY R 19 25.77 150.59 136.38
CA PHE R 20 22.82 152.77 135.44
CA ARG R 21 22.15 153.87 131.84
CA PRO R 22 21.44 157.61 131.87
CA LYS R 23 18.56 159.15 129.94
CA THR R 24 19.73 160.59 126.62
CA GLY R 25 20.03 164.38 126.71
CA ASP R 26 19.11 164.45 130.39
CA ILE R 27 20.39 167.46 132.34
CA ASP R 28 17.86 167.40 135.20
CA VAL R 29 20.69 167.30 137.77
CA MET R 30 21.59 170.94 138.49
CA ASN R 31 20.86 171.83 134.84
CA ARG R 32 24.17 170.12 134.06
CA GLN R 33 24.02 166.33 133.91
CA SER R 34 21.82 163.24 133.75
CA VAL R 35 20.27 161.41 136.66
CA GLY R 36 22.74 158.76 137.75
CA SER R 37 25.95 160.50 136.64
CA VAL R 38 29.04 159.44 138.59
CA THR R 39 29.74 161.41 141.76
CA ILE R 40 32.78 161.86 144.00
CA SER R 41 31.38 159.19 146.39
CA GLN R 42 31.75 156.49 143.71
CA LEU R 43 35.07 157.79 142.39
CA ALA R 44 36.44 157.59 145.92
CA LYS R 45 35.52 153.89 145.93
CA GLY R 46 36.93 153.09 142.51
CA PHE R 47 33.80 153.18 140.34
CA TYR R 48 33.81 155.58 137.40
CA GLU R 49 30.51 154.98 135.58
CA PRO R 50 26.90 156.22 135.91
CA ASN R 51 25.30 154.16 138.68
CA ILE R 52 22.22 153.11 140.65
CA GLU R 53 23.23 154.70 143.96
CA SER R 54 23.65 158.11 142.31
CA ALA R 55 20.46 157.71 140.25
CA ILE R 56 18.30 157.07 143.30
CA ASN R 57 20.02 159.87 145.23
CA ASP R 58 19.26 162.31 142.37
CA VAL R 59 15.56 161.41 142.15
CA HIS R 60 15.39 161.58 145.96
CA ASN R 61 16.73 165.15 145.56
CA PHE R 62 13.97 165.97 143.05
CA SER R 63 11.02 164.68 145.06
CA ILE R 64 11.46 166.22 148.52
CA LYS R 65 10.23 169.83 148.68
CA ASP R 66 11.81 172.28 151.17
CA VAL R 67 10.32 173.01 154.58
CA GLY R 68 7.97 175.96 154.09
CA THR R 69 6.56 174.67 150.78
CA ILE R 70 2.81 174.78 150.22
CA ILE R 71 0.71 171.91 148.90
CA THR R 72 -2.84 172.67 147.80
CA ASN R 73 -5.74 170.23 147.36
CA LYS R 74 -9.53 170.26 147.33
CA THR R 75 -10.09 167.32 149.69
CA GLY R 76 -8.57 168.58 152.92
CA VAL R 77 -6.69 165.29 153.25
CA SER R 78 -3.18 165.60 154.68
CA PRO R 79 -0.26 165.07 152.24
CA GLU R 80 1.55 163.13 154.98
CA GLY R 81 2.32 159.50 154.24
CA VAL R 82 0.61 156.63 156.05
CA SER R 83 2.24 153.35 157.08
CA GLN R 84 0.59 150.00 156.38
CA THR R 85 -0.91 147.97 159.25
CA ASP R 86 -1.36 144.18 159.25
CA TYR R 87 -2.47 141.22 161.36
CA TRP R 88 0.13 138.51 161.84
CA ALA R 89 -1.73 135.19 162.19
CA PHE R 90 -0.24 132.01 163.67
CA SER R 91 -1.55 128.44 163.81
CA GLY R 92 -0.35 124.97 164.74
CA THR R 93 1.97 123.68 167.43
CA VAL R 94 5.73 124.21 167.77
CA THR R 95 7.14 120.87 166.59
CA ASP R 96 10.53 119.26 165.94
CA ASP R 97 10.50 115.45 166.11
CA SER R 98 14.28 115.49 165.74
CA LEU R 99 14.55 116.88 169.28
CA PRO R 100 13.05 116.09 172.70
CA PRO R 101 9.97 117.95 174.02
CA GLY R 102 10.59 121.44 175.35
CA SER R 103 13.81 121.77 173.36
CA PRO R 104 14.59 125.48 172.80
CA ILE R 105 14.67 126.46 169.11
CA THR R 106 14.90 129.56 166.93
CA VAL R 107 11.86 130.35 164.77
CA LEU R 108 11.92 133.04 162.09
CA VAL R 109 8.72 135.07 161.80
CA PHE R 110 8.90 137.23 158.66
CA GLY R 111 12.63 137.33 159.28
CA LEU R 112 12.30 138.03 162.99
CA PRO R 113 14.16 135.56 165.26
CA VAL R 114 11.86 134.32 168.04
CA SER R 115 13.05 132.10 170.91
CA ALA R 116 10.72 129.09 170.92
CA THR R 117 10.45 125.60 172.48
CA THR R 118 8.98 122.43 170.95
CA GLY R 119 5.50 121.63 172.20
CA MET R 120 4.19 125.20 172.41
CA THR R 121 0.75 125.99 171.02
CA ALA R 122 0.05 128.87 168.63
CA ILE R 123 -0.98 131.15 171.51
CA GLU R 124 2.15 130.34 173.53
CA PHE R 125 4.28 130.98 170.45
CA VAL R 126 2.75 134.43 169.91
CA ALA R 127 3.97 135.42 173.36
CA LYS R 128 7.47 134.80 172.01
CA VAL R 129 6.62 136.82 168.91
CA ARG R 130 5.75 139.82 171.07
CA VAL R 131 9.34 139.83 172.30
CA ALA R 132 10.60 139.57 168.73
CA LEU R 133 8.59 142.59 167.59
CA GLN R 134 9.84 144.42 170.70
CA GLU R 135 13.53 144.00 169.86
CA ALA R 136 12.85 144.90 166.22
CA ILE R 137 10.98 148.05 167.25
CA ALA R 138 13.65 149.02 169.78
CA SER R 139 16.24 148.51 167.04
CA PHE R 140 14.33 150.72 164.58
CA THR R 141 14.25 147.78 162.20
CA ALA R 142 11.21 147.75 159.87
CA ILE R 143 8.65 147.64 162.70
CA ASN R 144 7.16 150.89 164.02
CA SER R 145 4.69 149.54 166.59
CA TYR R 146 2.46 146.61 167.52
CA LYS R 147 -0.57 145.67 169.61
CA ASP R 148 -2.56 142.55 170.45
CA HIS R 149 -5.44 141.49 168.21
CA PRO R 150 -8.76 142.85 169.53
CA THR R 151 -10.16 139.34 169.93
CA ASP R 152 -8.08 136.47 168.54
CA GLY R 153 -5.08 135.68 170.73
CA SER R 154 -3.31 133.91 167.87
CA LYS R 155 -3.01 137.24 166.02
CA LEU R 156 -1.09 140.49 166.42
CA GLU R 157 -1.59 143.94 164.89
CA VAL R 158 1.54 145.45 163.35
CA THR R 159 2.51 148.82 161.81
CA TYR R 160 5.69 149.44 159.79
CA LEU R 161 8.16 152.38 159.89
CA ASP R 162 8.04 153.01 156.12
CA ASN R 163 4.90 153.77 154.10
CA GLN R 164 5.47 151.20 151.33
CA LYS R 165 3.01 148.40 150.49
CA HIS R 166 3.89 144.94 151.78
CA VAL R 167 2.41 141.63 150.64
CA LEU R 168 3.75 138.64 152.58
CA SER R 169 3.30 135.04 151.46
CA THR R 170 1.81 132.53 153.91
CA TYR R 171 4.29 129.88 155.07
CA SER R 172 4.86 127.16 157.67
CA THR R 173 7.96 126.53 159.77
CA TYR R 174 8.47 124.21 162.73
CA GLY R 175 4.84 123.16 162.60
CA ILE R 176 3.59 126.73 162.84
CA THR R 177 1.83 128.36 159.90
CA ILE R 178 2.37 132.12 159.61
CA SER R 179 0.09 134.41 157.61
CA GLN R 180 -0.50 138.09 156.85
CA GLU R 181 -3.77 140.05 156.78
CA ILE R 182 -3.58 143.64 155.50
CA ILE R 183 -5.74 145.83 157.74
CA SER R 184 -5.05 149.42 156.68
CA GLU R 185 -3.36 150.38 153.40
CA SER R 186 -0.33 152.68 153.36
CA LYS R 187 -0.44 156.03 151.54
CA PRO R 188 2.19 157.97 149.56
CA GLY R 189 3.68 160.99 151.30
CA TYR R 190 6.47 162.33 153.50
CA GLY R 191 7.26 164.90 156.20
CA THR R 192 5.02 166.81 158.60
CA TRP R 193 2.43 169.13 157.04
CA ASN R 194 0.24 171.74 158.71
CA LEU R 195 -3.17 172.72 157.36
CA LEU R 196 -2.99 176.51 157.14
CA GLY R 197 -6.69 176.80 156.42
CA ALA R 198 -9.08 177.16 153.49
CA GLN R 199 -9.32 179.66 150.68
CA THR R 200 -12.58 180.05 148.79
CA VAL R 201 -12.00 181.37 145.29
CA THR R 202 -14.27 181.88 142.32
CA LEU R 203 -12.19 180.99 139.27
CA ASP R 204 -12.24 183.27 136.24
CA ASN R 205 -15.66 183.49 134.59
CA GLN R 206 -17.23 180.89 136.89
CA GLN R 207 -20.53 181.25 138.74
CA THR R 208 -19.57 178.74 141.43
CA PRO R 209 -16.84 179.12 144.10
CA THR R 210 -14.25 176.42 144.82
CA VAL R 211 -12.64 175.73 148.20
CA PHE R 212 -8.90 175.09 148.33
CA TYR R 213 -7.00 173.69 151.31
CA HIS R 214 -3.40 174.79 151.85
CA PHE R 215 -0.86 172.70 153.74
CA GLU R 216 2.61 173.89 154.72
CA ARG R 217 5.52 171.55 155.27
CA THR R 218 6.74 172.22 158.82
CA ALA R 219 9.22 169.33 159.07
#